data_9GDJ
#
_entry.id   9GDJ
#
_cell.length_a   123.920
_cell.length_b   123.920
_cell.length_c   126.440
_cell.angle_alpha   90.000
_cell.angle_beta   90.000
_cell.angle_gamma   90.000
#
_symmetry.space_group_name_H-M   'P 41 21 2'
#
loop_
_entity.id
_entity.type
_entity.pdbx_description
1 polymer Methyltransferase
2 non-polymer 'COBALT HEXAMMINE(III)'
3 non-polymer 'TRIETHYLENE GLYCOL'
4 non-polymer GLYCEROL
5 non-polymer 'ISOPROPYL ALCOHOL'
6 non-polymer S-ADENOSYL-L-HOMOCYSTEINE
7 non-polymer 'CHLORIDE ION'
8 water water
#
_entity_poly.entity_id   1
_entity_poly.type   'polypeptide(L)'
_entity_poly.pdbx_seq_one_letter_code
;MGSSHHHHHHSSGLVPRGSHMSSQTVTPDPYGNLAESYDRLAQWAIDQQQESPRDRVGDFLQTFWQSQDRPVRTVLEICC
GTGLMLAELARRGYVVTGLDRSAAMLEQARARMGGKTTLIRAELPDIPAPAGEFDAVVSAAGGLNYLSESQISATFGAVA
RLLPAGGTFTFDVFGQGFYAKFFDPSAPRVMALELDDISYIWTFTKPAEAPFVDMSYTQFSPASRAVDGEPAFIRTRDLH
RYYPLPHATVLRLAAEHGFTDARAHDNYSSDPSGPHTLYDTWTMVRTGSLE
;
_entity_poly.pdbx_strand_id   A,B,C
#
loop_
_chem_comp.id
_chem_comp.type
_chem_comp.name
_chem_comp.formula
CL non-polymer 'CHLORIDE ION' 'Cl -1'
GOL non-polymer GLYCEROL 'C3 H8 O3'
IPA non-polymer 'ISOPROPYL ALCOHOL' 'C3 H8 O'
NCO non-polymer 'COBALT HEXAMMINE(III)' 'Co H18 N6 3'
PGE non-polymer 'TRIETHYLENE GLYCOL' 'C6 H14 O4'
SAH non-polymer S-ADENOSYL-L-HOMOCYSTEINE 'C14 H20 N6 O5 S'
#
# COMPACT_ATOMS: atom_id res chain seq x y z
N THR A 27 -35.50 -1.21 21.96
CA THR A 27 -34.64 -2.18 21.29
C THR A 27 -34.49 -1.84 19.81
N PRO A 28 -33.42 -1.12 19.46
CA PRO A 28 -33.21 -0.74 18.06
C PRO A 28 -32.95 -1.97 17.20
N ASP A 29 -33.39 -1.88 15.94
CA ASP A 29 -33.17 -2.95 14.98
C ASP A 29 -32.21 -2.45 13.91
N PRO A 30 -30.91 -2.74 14.01
CA PRO A 30 -29.97 -2.26 12.99
C PRO A 30 -30.22 -2.85 11.62
N TYR A 31 -30.92 -3.98 11.54
CA TYR A 31 -31.20 -4.59 10.24
C TYR A 31 -32.43 -4.00 9.57
N GLY A 32 -33.16 -3.12 10.25
CA GLY A 32 -34.33 -2.51 9.63
C GLY A 32 -33.98 -1.80 8.33
N ASN A 33 -32.94 -0.98 8.35
CA ASN A 33 -32.55 -0.26 7.14
C ASN A 33 -31.74 -1.12 6.19
N LEU A 34 -31.21 -2.24 6.67
CA LEU A 34 -30.34 -3.08 5.87
C LEU A 34 -31.08 -4.19 5.15
N ALA A 35 -32.28 -4.55 5.61
CA ALA A 35 -32.92 -5.78 5.14
C ALA A 35 -33.11 -5.79 3.63
N GLU A 36 -33.46 -4.64 3.05
N GLU A 36 -33.44 -4.64 3.03
CA GLU A 36 -33.74 -4.58 1.61
CA GLU A 36 -33.77 -4.63 1.61
C GLU A 36 -32.53 -5.00 0.80
C GLU A 36 -32.54 -4.87 0.72
N SER A 37 -31.33 -4.59 1.21
CA SER A 37 -30.12 -4.85 0.45
C SER A 37 -29.26 -5.95 1.05
N TYR A 38 -29.73 -6.60 2.12
CA TYR A 38 -28.90 -7.55 2.85
C TYR A 38 -28.44 -8.70 1.96
N ASP A 39 -29.34 -9.28 1.16
CA ASP A 39 -28.96 -10.46 0.39
C ASP A 39 -27.86 -10.14 -0.61
N ARG A 40 -27.95 -8.98 -1.27
CA ARG A 40 -26.89 -8.56 -2.19
C ARG A 40 -25.56 -8.35 -1.45
N LEU A 41 -25.62 -7.75 -0.26
CA LEU A 41 -24.40 -7.54 0.52
C LEU A 41 -23.82 -8.86 1.01
N ALA A 42 -24.68 -9.80 1.42
CA ALA A 42 -24.20 -11.11 1.85
C ALA A 42 -23.53 -11.84 0.71
N GLN A 43 -24.11 -11.76 -0.49
CA GLN A 43 -23.48 -12.41 -1.64
C GLN A 43 -22.14 -11.76 -1.98
N TRP A 44 -22.06 -10.42 -1.88
CA TRP A 44 -20.78 -9.77 -2.06
C TRP A 44 -19.74 -10.28 -1.08
N ALA A 45 -20.13 -10.46 0.19
CA ALA A 45 -19.18 -10.91 1.19
C ALA A 45 -18.69 -12.32 0.89
N ILE A 46 -19.56 -13.17 0.34
CA ILE A 46 -19.12 -14.49 -0.11
C ILE A 46 -18.19 -14.36 -1.31
N ASP A 47 -18.59 -13.55 -2.29
N ASP A 47 -18.59 -13.53 -2.28
CA ASP A 47 -17.84 -13.43 -3.52
CA ASP A 47 -17.79 -13.37 -3.50
C ASP A 47 -16.51 -12.70 -3.33
C ASP A 47 -16.39 -12.86 -3.21
N GLN A 48 -16.40 -11.87 -2.30
N GLN A 48 -16.25 -12.00 -2.20
CA GLN A 48 -15.24 -10.99 -2.15
CA GLN A 48 -14.96 -11.48 -1.78
C GLN A 48 -14.60 -10.98 -0.78
C GLN A 48 -14.14 -12.47 -0.97
N GLN A 49 -15.26 -11.45 0.28
N GLN A 49 -14.60 -13.71 -0.85
CA GLN A 49 -14.73 -11.33 1.63
CA GLN A 49 -13.94 -14.73 -0.04
C GLN A 49 -14.60 -12.67 2.34
C GLN A 49 -13.84 -14.35 1.43
N GLN A 50 -14.55 -13.76 1.59
N GLN A 50 -14.80 -13.54 1.91
CA GLN A 50 -14.28 -15.11 2.11
CA GLN A 50 -14.96 -13.30 3.35
C GLN A 50 -15.34 -15.62 3.08
C GLN A 50 -15.86 -14.39 3.94
N GLU A 51 -16.53 -15.02 3.11
N GLU A 51 -17.15 -14.33 3.65
CA GLU A 51 -17.60 -15.61 3.90
CA GLU A 51 -18.04 -15.38 4.11
C GLU A 51 -18.07 -16.90 3.25
C GLU A 51 -17.93 -16.60 3.20
N SER A 52 -18.43 -17.87 4.07
N SER A 52 -18.29 -17.76 3.77
CA SER A 52 -18.76 -19.19 3.56
CA SER A 52 -18.43 -18.98 2.98
C SER A 52 -20.00 -19.14 2.69
C SER A 52 -19.81 -19.03 2.34
N PRO A 53 -19.98 -19.71 1.49
N PRO A 53 -19.95 -19.70 1.20
CA PRO A 53 -21.23 -19.89 0.75
CA PRO A 53 -21.28 -19.88 0.64
C PRO A 53 -22.18 -20.73 1.60
C PRO A 53 -22.17 -20.67 1.59
N ARG A 54 -23.48 -20.43 1.51
CA ARG A 54 -24.40 -21.11 2.41
C ARG A 54 -24.45 -22.61 2.17
N ASP A 55 -24.18 -23.08 0.94
CA ASP A 55 -24.12 -24.53 0.74
C ASP A 55 -22.87 -25.15 1.34
N ARG A 56 -21.79 -24.38 1.57
CA ARG A 56 -20.68 -24.93 2.35
C ARG A 56 -21.08 -25.10 3.82
N VAL A 57 -21.80 -24.13 4.36
CA VAL A 57 -22.39 -24.30 5.69
C VAL A 57 -23.26 -25.56 5.71
N GLY A 58 -24.11 -25.72 4.69
CA GLY A 58 -24.97 -26.89 4.62
C GLY A 58 -24.19 -28.19 4.55
N ASP A 59 -23.15 -28.24 3.70
N ASP A 59 -23.12 -28.22 3.75
CA ASP A 59 -22.26 -29.40 3.63
CA ASP A 59 -22.31 -29.44 3.65
C ASP A 59 -21.71 -29.72 5.01
C ASP A 59 -21.60 -29.75 4.97
N PHE A 60 -21.15 -28.71 5.67
CA PHE A 60 -20.52 -28.90 6.97
C PHE A 60 -21.51 -29.47 7.98
N LEU A 61 -22.73 -28.91 8.01
CA LEU A 61 -23.74 -29.39 8.93
C LEU A 61 -24.15 -30.82 8.62
N GLN A 62 -24.40 -31.11 7.34
CA GLN A 62 -24.85 -32.46 6.99
C GLN A 62 -23.79 -33.48 7.36
N THR A 63 -22.52 -33.16 7.12
CA THR A 63 -21.45 -34.09 7.48
C THR A 63 -21.31 -34.25 8.99
N PHE A 64 -21.42 -33.14 9.72
CA PHE A 64 -21.34 -33.19 11.18
C PHE A 64 -22.52 -33.99 11.75
N TRP A 65 -23.73 -33.72 11.27
CA TRP A 65 -24.89 -34.46 11.77
C TRP A 65 -24.79 -35.94 11.43
N GLN A 66 -24.31 -36.26 10.22
CA GLN A 66 -24.16 -37.66 9.83
C GLN A 66 -23.16 -38.40 10.72
N SER A 67 -22.23 -37.69 11.36
CA SER A 67 -21.30 -38.32 12.29
C SER A 67 -21.89 -38.58 13.67
N GLN A 68 -23.06 -38.04 13.96
N GLN A 68 -23.05 -38.03 13.98
CA GLN A 68 -23.73 -38.23 15.26
CA GLN A 68 -23.69 -38.24 15.27
C GLN A 68 -24.63 -39.45 15.20
C GLN A 68 -24.67 -39.41 15.22
N ASP A 69 -24.86 -40.06 16.37
CA ASP A 69 -25.75 -41.21 16.42
C ASP A 69 -27.21 -40.81 16.26
N ARG A 70 -27.59 -39.64 16.76
CA ARG A 70 -29.00 -39.27 16.75
C ARG A 70 -29.36 -38.61 15.41
N PRO A 71 -30.35 -39.11 14.68
CA PRO A 71 -30.68 -38.53 13.37
C PRO A 71 -31.20 -37.11 13.51
N VAL A 72 -31.04 -36.33 12.44
CA VAL A 72 -31.48 -34.95 12.40
C VAL A 72 -32.51 -34.78 11.28
N ARG A 73 -33.72 -34.38 11.66
CA ARG A 73 -34.71 -33.94 10.69
C ARG A 73 -35.12 -32.49 10.89
N THR A 74 -35.45 -32.11 12.13
CA THR A 74 -35.94 -30.76 12.43
C THR A 74 -34.80 -29.89 12.90
N VAL A 75 -34.71 -28.69 12.33
CA VAL A 75 -33.61 -27.77 12.61
C VAL A 75 -34.22 -26.39 12.88
N LEU A 76 -33.83 -25.78 13.99
CA LEU A 76 -34.14 -24.39 14.27
C LEU A 76 -32.92 -23.54 13.95
N GLU A 77 -33.08 -22.53 13.11
CA GLU A 77 -32.03 -21.54 12.94
C GLU A 77 -32.43 -20.29 13.70
N ILE A 78 -31.67 -19.97 14.73
CA ILE A 78 -31.85 -18.71 15.44
C ILE A 78 -31.01 -17.64 14.74
N CYS A 79 -31.56 -16.42 14.71
CA CYS A 79 -31.00 -15.34 13.88
C CYS A 79 -31.03 -15.70 12.40
N CYS A 80 -32.20 -16.13 11.93
CA CYS A 80 -32.33 -16.63 10.56
C CYS A 80 -32.29 -15.52 9.50
N GLY A 81 -32.40 -14.25 9.91
CA GLY A 81 -32.34 -13.18 8.92
C GLY A 81 -33.35 -13.33 7.81
N THR A 82 -32.90 -13.15 6.57
CA THR A 82 -33.75 -13.26 5.38
C THR A 82 -33.95 -14.69 4.93
N GLY A 83 -33.48 -15.67 5.69
CA GLY A 83 -33.70 -17.06 5.36
C GLY A 83 -32.74 -17.69 4.38
N LEU A 84 -31.55 -17.10 4.15
CA LEU A 84 -30.61 -17.74 3.23
C LEU A 84 -30.22 -19.13 3.71
N MET A 85 -30.01 -19.29 5.02
CA MET A 85 -29.64 -20.61 5.52
C MET A 85 -30.86 -21.51 5.67
N LEU A 86 -32.04 -20.95 5.98
CA LEU A 86 -33.26 -21.75 5.96
C LEU A 86 -33.45 -22.39 4.60
N ALA A 87 -33.26 -21.62 3.53
CA ALA A 87 -33.51 -22.14 2.18
C ALA A 87 -32.51 -23.23 1.82
N GLU A 88 -31.26 -23.08 2.26
CA GLU A 88 -30.25 -24.08 1.98
C GLU A 88 -30.55 -25.39 2.72
N LEU A 89 -30.94 -25.29 3.99
CA LEU A 89 -31.27 -26.52 4.71
C LEU A 89 -32.54 -27.17 4.15
N ALA A 90 -33.51 -26.37 3.74
CA ALA A 90 -34.70 -26.95 3.12
C ALA A 90 -34.36 -27.65 1.81
N ARG A 91 -33.44 -27.06 1.03
CA ARG A 91 -32.99 -27.68 -0.22
C ARG A 91 -32.42 -29.08 0.04
N ARG A 92 -31.72 -29.25 1.15
CA ARG A 92 -31.13 -30.53 1.54
C ARG A 92 -32.14 -31.49 2.18
N GLY A 93 -33.38 -31.05 2.41
CA GLY A 93 -34.42 -31.94 2.91
C GLY A 93 -34.71 -31.86 4.40
N TYR A 94 -34.13 -30.89 5.10
CA TYR A 94 -34.44 -30.73 6.52
C TYR A 94 -35.73 -29.92 6.68
N VAL A 95 -36.35 -30.09 7.84
CA VAL A 95 -37.56 -29.35 8.20
C VAL A 95 -37.12 -28.19 9.08
N VAL A 96 -37.17 -26.97 8.55
CA VAL A 96 -36.53 -25.84 9.20
C VAL A 96 -37.56 -24.90 9.81
N THR A 97 -37.16 -24.29 10.93
CA THR A 97 -37.88 -23.21 11.58
C THR A 97 -36.87 -22.08 11.76
N GLY A 98 -37.31 -20.84 11.58
CA GLY A 98 -36.45 -19.69 11.78
C GLY A 98 -36.92 -18.81 12.91
N LEU A 99 -35.96 -18.16 13.58
CA LEU A 99 -36.25 -17.17 14.60
C LEU A 99 -35.38 -15.94 14.35
N ASP A 100 -35.96 -14.75 14.47
CA ASP A 100 -35.19 -13.53 14.35
C ASP A 100 -35.97 -12.42 15.06
N ARG A 101 -35.25 -11.40 15.51
CA ARG A 101 -35.91 -10.27 16.15
C ARG A 101 -36.41 -9.23 15.16
N SER A 102 -35.94 -9.26 13.92
CA SER A 102 -36.17 -8.18 12.95
C SER A 102 -37.35 -8.55 12.07
N ALA A 103 -38.45 -7.80 12.19
CA ALA A 103 -39.59 -8.01 11.31
C ALA A 103 -39.20 -7.77 9.86
N ALA A 104 -38.32 -6.80 9.61
CA ALA A 104 -37.91 -6.52 8.23
C ALA A 104 -37.17 -7.71 7.63
N MET A 105 -36.23 -8.29 8.37
CA MET A 105 -35.56 -9.49 7.88
C MET A 105 -36.55 -10.64 7.70
N LEU A 106 -37.44 -10.85 8.67
CA LEU A 106 -38.34 -12.00 8.62
C LEU A 106 -39.31 -11.92 7.44
N GLU A 107 -39.71 -10.72 7.06
CA GLU A 107 -40.62 -10.66 5.92
C GLU A 107 -39.92 -11.14 4.66
N GLN A 108 -38.62 -10.85 4.53
N GLN A 108 -38.62 -10.87 4.53
CA GLN A 108 -37.82 -11.40 3.42
CA GLN A 108 -37.87 -11.41 3.40
C GLN A 108 -37.76 -12.91 3.51
C GLN A 108 -37.74 -12.93 3.50
N ALA A 109 -37.59 -13.46 4.72
CA ALA A 109 -37.58 -14.91 4.88
C ALA A 109 -38.93 -15.50 4.50
N ARG A 110 -40.02 -14.81 4.81
CA ARG A 110 -41.35 -15.29 4.43
C ARG A 110 -41.51 -15.33 2.92
N ALA A 111 -40.99 -14.31 2.22
CA ALA A 111 -41.04 -14.32 0.76
C ALA A 111 -40.20 -15.46 0.18
N ARG A 112 -39.05 -15.73 0.80
CA ARG A 112 -38.15 -16.77 0.32
C ARG A 112 -38.71 -18.16 0.57
N MET A 113 -39.30 -18.38 1.75
CA MET A 113 -39.68 -19.71 2.19
C MET A 113 -41.13 -20.06 1.91
N GLY A 114 -42.00 -19.06 1.70
CA GLY A 114 -43.42 -19.35 1.57
C GLY A 114 -44.07 -19.57 2.92
N GLY A 115 -45.36 -19.92 2.88
CA GLY A 115 -46.11 -20.02 4.12
C GLY A 115 -45.86 -21.28 4.93
N LYS A 116 -45.23 -22.30 4.34
CA LYS A 116 -45.07 -23.57 5.06
C LYS A 116 -44.10 -23.45 6.23
N THR A 117 -43.16 -22.51 6.20
CA THR A 117 -42.08 -22.48 7.18
C THR A 117 -42.49 -21.63 8.39
N THR A 118 -42.33 -22.21 9.58
CA THR A 118 -42.58 -21.44 10.79
C THR A 118 -41.47 -20.42 10.99
N LEU A 119 -41.86 -19.17 11.16
CA LEU A 119 -40.94 -18.07 11.42
C LEU A 119 -41.39 -17.40 12.71
N ILE A 120 -40.48 -17.30 13.67
CA ILE A 120 -40.76 -16.79 15.00
C ILE A 120 -40.07 -15.44 15.13
N ARG A 121 -40.84 -14.42 15.47
N ARG A 121 -40.84 -14.41 15.46
CA ARG A 121 -40.26 -13.12 15.82
CA ARG A 121 -40.24 -13.12 15.80
C ARG A 121 -40.03 -13.11 17.32
C ARG A 121 -40.02 -13.07 17.31
N ALA A 122 -38.76 -13.12 17.73
CA ALA A 122 -38.41 -13.09 19.13
C ALA A 122 -36.97 -12.61 19.23
N GLU A 123 -36.62 -12.03 20.38
CA GLU A 123 -35.26 -11.57 20.64
C GLU A 123 -34.57 -12.53 21.61
N LEU A 124 -33.51 -13.16 21.13
CA LEU A 124 -32.72 -14.02 22.01
C LEU A 124 -32.34 -13.24 23.27
N PRO A 125 -32.37 -13.87 24.44
CA PRO A 125 -32.47 -15.32 24.64
C PRO A 125 -33.87 -15.93 24.64
N ASP A 126 -34.92 -15.17 24.32
N ASP A 126 -34.91 -15.14 24.35
CA ASP A 126 -36.26 -15.71 24.28
CA ASP A 126 -36.24 -15.72 24.23
C ASP A 126 -36.40 -16.62 23.06
C ASP A 126 -36.25 -16.68 23.05
N ILE A 127 -36.74 -17.90 23.28
CA ILE A 127 -37.03 -18.84 22.21
C ILE A 127 -38.35 -19.52 22.52
N PRO A 128 -39.47 -18.97 22.05
CA PRO A 128 -40.80 -19.53 22.36
C PRO A 128 -41.16 -20.72 21.47
N ALA A 129 -40.55 -21.86 21.75
CA ALA A 129 -40.71 -23.08 20.98
C ALA A 129 -40.75 -24.24 21.97
N PRO A 130 -41.35 -25.36 21.58
N PRO A 130 -41.36 -25.36 21.58
CA PRO A 130 -41.55 -26.44 22.56
CA PRO A 130 -41.51 -26.48 22.52
C PRO A 130 -40.29 -27.28 22.75
C PRO A 130 -40.19 -27.13 22.88
N ALA A 131 -40.13 -27.76 23.98
N ALA A 131 -40.08 -27.55 24.14
CA ALA A 131 -39.18 -28.83 24.22
CA ALA A 131 -38.94 -28.33 24.58
C ALA A 131 -39.54 -30.04 23.37
C ALA A 131 -38.85 -29.63 23.80
N GLY A 132 -38.56 -30.87 23.06
N GLY A 132 -37.66 -29.92 23.26
CA GLY A 132 -38.80 -32.07 22.28
CA GLY A 132 -37.41 -31.17 22.58
C GLY A 132 -39.21 -31.85 20.85
C GLY A 132 -37.84 -31.26 21.13
N GLU A 133 -38.85 -30.71 20.27
N GLU A 133 -38.53 -30.25 20.58
CA GLU A 133 -39.20 -30.35 18.90
CA GLU A 133 -39.00 -30.34 19.20
C GLU A 133 -38.05 -30.42 17.92
C GLU A 133 -37.84 -30.56 18.22
N PHE A 134 -36.86 -29.96 18.32
N PHE A 134 -36.73 -29.87 18.43
CA PHE A 134 -35.75 -29.77 17.39
CA PHE A 134 -35.71 -29.72 17.40
C PHE A 134 -34.66 -30.82 17.61
C PHE A 134 -34.56 -30.69 17.61
N ASP A 135 -34.12 -31.31 16.51
CA ASP A 135 -33.00 -32.24 16.55
C ASP A 135 -31.67 -31.52 16.50
N ALA A 136 -31.66 -30.28 16.00
CA ALA A 136 -30.45 -29.49 15.92
C ALA A 136 -30.85 -28.02 15.97
N VAL A 137 -29.95 -27.20 16.50
CA VAL A 137 -30.08 -25.74 16.44
C VAL A 137 -28.82 -25.20 15.75
N VAL A 138 -29.02 -24.24 14.86
N VAL A 138 -29.03 -24.19 14.90
CA VAL A 138 -27.91 -23.59 14.17
CA VAL A 138 -28.01 -23.59 14.06
C VAL A 138 -28.08 -22.08 14.24
C VAL A 138 -28.12 -22.07 14.18
N SER A 139 -26.99 -21.37 14.01
CA SER A 139 -27.03 -19.90 13.89
C SER A 139 -25.89 -19.51 12.96
N ALA A 140 -26.20 -19.34 11.67
CA ALA A 140 -25.19 -19.09 10.64
C ALA A 140 -25.06 -17.60 10.36
N ALA A 141 -23.84 -17.20 10.02
CA ALA A 141 -23.54 -15.84 9.54
C ALA A 141 -23.71 -14.76 10.60
N GLY A 142 -23.41 -15.09 11.85
CA GLY A 142 -22.95 -14.08 12.80
C GLY A 142 -23.98 -13.44 13.71
N GLY A 143 -25.22 -13.94 13.77
CA GLY A 143 -26.19 -13.35 14.67
C GLY A 143 -25.74 -13.36 16.13
N LEU A 144 -25.06 -14.42 16.56
CA LEU A 144 -24.68 -14.48 17.96
C LEU A 144 -23.59 -13.47 18.34
N ASN A 145 -22.92 -12.86 17.36
CA ASN A 145 -22.00 -11.77 17.65
C ASN A 145 -22.70 -10.58 18.31
N TYR A 146 -24.02 -10.46 18.15
CA TYR A 146 -24.76 -9.32 18.69
C TYR A 146 -25.15 -9.50 20.15
N LEU A 147 -24.88 -10.66 20.75
N LEU A 147 -24.89 -10.67 20.75
CA LEU A 147 -25.33 -10.96 22.10
CA LEU A 147 -25.32 -10.96 22.11
C LEU A 147 -24.22 -10.72 23.11
C LEU A 147 -24.20 -10.68 23.09
N SER A 148 -24.56 -10.04 24.21
CA SER A 148 -23.63 -9.86 25.30
C SER A 148 -23.34 -11.22 25.95
N GLU A 149 -22.29 -11.28 26.77
CA GLU A 149 -21.97 -12.57 27.39
C GLU A 149 -23.13 -13.08 28.22
N SER A 150 -23.85 -12.18 28.90
CA SER A 150 -25.03 -12.58 29.65
C SER A 150 -26.14 -13.09 28.74
N GLN A 151 -26.36 -12.45 27.59
N GLN A 151 -26.38 -12.42 27.60
CA GLN A 151 -27.42 -12.88 26.69
CA GLN A 151 -27.40 -12.85 26.66
C GLN A 151 -27.04 -14.17 25.98
C GLN A 151 -27.03 -14.19 26.06
N ILE A 152 -25.76 -14.38 25.71
CA ILE A 152 -25.38 -15.62 25.05
C ILE A 152 -25.41 -16.77 26.02
N SER A 153 -25.09 -16.53 27.30
CA SER A 153 -25.22 -17.56 28.31
C SER A 153 -26.68 -18.01 28.44
N ALA A 154 -27.60 -17.04 28.52
CA ALA A 154 -29.02 -17.38 28.59
C ALA A 154 -29.49 -18.09 27.32
N THR A 155 -28.95 -17.73 26.16
CA THR A 155 -29.30 -18.41 24.91
C THR A 155 -28.82 -19.85 24.91
N PHE A 156 -27.60 -20.09 25.41
CA PHE A 156 -27.11 -21.46 25.54
C PHE A 156 -28.07 -22.29 26.38
N GLY A 157 -28.56 -21.71 27.49
CA GLY A 157 -29.52 -22.44 28.32
C GLY A 157 -30.82 -22.74 27.60
N ALA A 158 -31.36 -21.76 26.87
CA ALA A 158 -32.60 -21.99 26.15
C ALA A 158 -32.43 -23.03 25.06
N VAL A 159 -31.31 -22.97 24.33
CA VAL A 159 -31.03 -23.97 23.30
C VAL A 159 -30.90 -25.36 23.92
N ALA A 160 -30.22 -25.45 25.07
CA ALA A 160 -30.09 -26.75 25.73
C ALA A 160 -31.44 -27.34 26.07
N ARG A 161 -32.37 -26.51 26.53
CA ARG A 161 -33.71 -27.00 26.85
C ARG A 161 -34.49 -27.45 25.63
N LEU A 162 -34.15 -26.93 24.44
CA LEU A 162 -34.82 -27.33 23.21
C LEU A 162 -34.25 -28.61 22.61
N LEU A 163 -33.10 -29.07 23.09
CA LEU A 163 -32.43 -30.17 22.43
C LEU A 163 -32.47 -31.41 23.30
N PRO A 164 -32.79 -32.56 22.71
CA PRO A 164 -32.64 -33.83 23.43
C PRO A 164 -31.16 -34.19 23.51
N ALA A 165 -30.85 -35.09 24.45
CA ALA A 165 -29.52 -35.64 24.52
C ALA A 165 -29.11 -36.19 23.16
N GLY A 166 -27.91 -35.80 22.71
CA GLY A 166 -27.42 -36.23 21.41
C GLY A 166 -27.75 -35.31 20.27
N GLY A 167 -28.63 -34.34 20.47
CA GLY A 167 -28.79 -33.24 19.55
C GLY A 167 -27.58 -32.32 19.60
N THR A 168 -27.53 -31.37 18.67
CA THR A 168 -26.35 -30.53 18.53
C THR A 168 -26.71 -29.06 18.33
N PHE A 169 -25.72 -28.21 18.61
CA PHE A 169 -25.79 -26.76 18.45
C PHE A 169 -24.57 -26.35 17.65
N THR A 170 -24.78 -25.61 16.57
CA THR A 170 -23.70 -25.16 15.68
C THR A 170 -23.92 -23.68 15.40
N PHE A 171 -22.85 -22.89 15.51
CA PHE A 171 -22.98 -21.47 15.23
C PHE A 171 -21.61 -20.93 14.83
N ASP A 172 -21.59 -19.72 14.27
CA ASP A 172 -20.32 -19.05 14.05
C ASP A 172 -20.31 -17.69 14.74
N VAL A 173 -19.11 -17.29 15.16
CA VAL A 173 -18.86 -15.96 15.68
C VAL A 173 -17.56 -15.48 15.05
N PHE A 174 -17.31 -14.18 15.17
CA PHE A 174 -16.07 -13.63 14.62
C PHE A 174 -14.87 -14.27 15.29
N GLY A 175 -13.89 -14.66 14.47
CA GLY A 175 -12.64 -15.20 14.97
C GLY A 175 -11.60 -14.12 15.26
N GLN A 176 -10.46 -14.58 15.77
N GLN A 176 -10.45 -14.59 15.74
CA GLN A 176 -9.36 -13.68 16.09
CA GLN A 176 -9.35 -13.69 16.09
C GLN A 176 -8.94 -12.85 14.87
C GLN A 176 -8.86 -12.90 14.89
N GLY A 177 -8.94 -13.47 13.69
CA GLY A 177 -8.50 -12.77 12.50
C GLY A 177 -9.41 -11.64 12.09
N PHE A 178 -10.70 -11.75 12.41
CA PHE A 178 -11.64 -10.67 12.10
C PHE A 178 -11.32 -9.43 12.91
N TYR A 179 -11.16 -9.57 14.22
CA TYR A 179 -10.86 -8.40 15.04
C TYR A 179 -9.50 -7.81 14.69
N ALA A 180 -8.52 -8.66 14.36
CA ALA A 180 -7.21 -8.14 13.98
C ALA A 180 -7.25 -7.39 12.67
N LYS A 181 -8.12 -7.80 11.75
CA LYS A 181 -8.16 -7.19 10.43
C LYS A 181 -8.92 -5.87 10.44
N PHE A 182 -10.04 -5.79 11.16
CA PHE A 182 -10.96 -4.66 11.03
C PHE A 182 -10.94 -3.69 12.20
N PHE A 183 -10.36 -4.07 13.34
CA PHE A 183 -10.40 -3.22 14.53
C PHE A 183 -8.98 -2.86 14.96
N ASP A 184 -8.77 -1.58 15.26
CA ASP A 184 -7.49 -1.05 15.72
C ASP A 184 -7.72 -0.50 17.12
N PRO A 185 -6.97 -0.95 18.13
CA PRO A 185 -7.16 -0.40 19.49
C PRO A 185 -6.89 1.09 19.59
N SER A 186 -6.08 1.65 18.68
CA SER A 186 -5.58 3.01 18.82
C SER A 186 -6.43 4.05 18.13
N ALA A 187 -7.21 3.68 17.12
CA ALA A 187 -7.94 4.65 16.31
C ALA A 187 -9.08 3.94 15.62
N PRO A 188 -10.10 4.68 15.17
CA PRO A 188 -11.14 4.06 14.34
C PRO A 188 -10.59 3.69 12.97
N ARG A 189 -11.17 2.64 12.40
N ARG A 189 -11.16 2.63 12.40
CA ARG A 189 -10.88 2.22 11.03
CA ARG A 189 -10.90 2.21 11.04
C ARG A 189 -12.13 2.42 10.19
C ARG A 189 -12.14 2.48 10.21
N VAL A 190 -11.94 2.91 8.96
CA VAL A 190 -13.05 3.24 8.07
C VAL A 190 -12.89 2.49 6.76
N MET A 191 -13.95 1.80 6.35
N MET A 191 -13.94 1.77 6.37
CA MET A 191 -13.98 1.07 5.10
CA MET A 191 -13.99 1.03 5.11
C MET A 191 -15.29 1.40 4.38
C MET A 191 -15.27 1.42 4.38
N ALA A 192 -15.34 1.08 3.09
CA ALA A 192 -16.52 1.46 2.30
C ALA A 192 -16.74 0.49 1.14
N LEU A 193 -17.93 0.57 0.58
CA LEU A 193 -18.32 -0.27 -0.55
C LEU A 193 -19.44 0.43 -1.33
N GLU A 194 -19.30 0.46 -2.64
N GLU A 194 -19.29 0.47 -2.65
CA GLU A 194 -20.34 0.92 -3.54
CA GLU A 194 -20.35 0.92 -3.55
C GLU A 194 -20.83 -0.30 -4.31
C GLU A 194 -20.83 -0.30 -4.32
N LEU A 195 -22.09 -0.67 -4.10
CA LEU A 195 -22.65 -1.91 -4.64
C LEU A 195 -24.05 -1.66 -5.16
N ASP A 196 -24.24 -1.77 -6.48
CA ASP A 196 -25.56 -1.67 -7.10
C ASP A 196 -26.30 -0.39 -6.70
N ASP A 197 -25.58 0.73 -6.75
CA ASP A 197 -26.11 2.06 -6.45
C ASP A 197 -26.41 2.30 -4.97
N ILE A 198 -26.14 1.34 -4.10
CA ILE A 198 -26.11 1.60 -2.66
C ILE A 198 -24.65 1.81 -2.26
N SER A 199 -24.42 2.71 -1.32
CA SER A 199 -23.07 2.97 -0.83
C SER A 199 -23.05 2.79 0.67
N TYR A 200 -22.07 2.02 1.16
CA TYR A 200 -21.90 1.79 2.57
C TYR A 200 -20.58 2.39 3.03
N ILE A 201 -20.61 3.03 4.21
CA ILE A 201 -19.40 3.48 4.89
C ILE A 201 -19.43 2.86 6.27
N TRP A 202 -18.40 2.08 6.59
CA TRP A 202 -18.33 1.33 7.83
C TRP A 202 -17.23 1.89 8.72
N THR A 203 -17.57 2.20 9.96
CA THR A 203 -16.60 2.74 10.92
C THR A 203 -16.46 1.73 12.06
N PHE A 204 -15.23 1.32 12.33
CA PHE A 204 -14.94 0.28 13.31
C PHE A 204 -14.24 0.94 14.49
N THR A 205 -14.81 0.79 15.69
CA THR A 205 -14.20 1.38 16.88
C THR A 205 -14.18 0.38 18.02
N LYS A 206 -13.23 0.57 18.94
CA LYS A 206 -13.08 -0.25 20.14
C LYS A 206 -13.17 0.67 21.36
N PRO A 207 -14.38 0.96 21.85
CA PRO A 207 -14.51 1.86 23.01
C PRO A 207 -13.77 1.32 24.21
N ALA A 208 -13.10 2.22 24.95
CA ALA A 208 -12.23 1.81 26.03
C ALA A 208 -13.02 1.07 27.11
N GLU A 209 -12.46 -0.06 27.56
CA GLU A 209 -13.00 -0.84 28.67
C GLU A 209 -14.36 -1.46 28.37
N ALA A 210 -14.78 -1.48 27.09
CA ALA A 210 -16.08 -2.06 26.82
C ALA A 210 -15.95 -3.53 26.45
N PRO A 211 -16.96 -4.34 26.76
CA PRO A 211 -16.96 -5.74 26.34
C PRO A 211 -17.45 -5.93 24.91
N PHE A 212 -17.64 -4.84 24.18
CA PHE A 212 -18.07 -4.88 22.81
C PHE A 212 -17.15 -4.01 21.97
N VAL A 213 -17.25 -4.21 20.65
CA VAL A 213 -16.69 -3.31 19.65
C VAL A 213 -17.83 -2.88 18.74
N ASP A 214 -17.67 -1.71 18.11
CA ASP A 214 -18.75 -1.09 17.35
C ASP A 214 -18.40 -1.01 15.87
N MET A 215 -19.36 -1.42 15.05
CA MET A 215 -19.28 -1.25 13.60
C MET A 215 -20.51 -0.47 13.17
N SER A 216 -20.30 0.79 12.79
N SER A 216 -20.31 0.79 12.79
CA SER A 216 -21.40 1.64 12.36
CA SER A 216 -21.42 1.63 12.37
C SER A 216 -21.58 1.51 10.85
C SER A 216 -21.60 1.55 10.86
N TYR A 217 -22.83 1.35 10.42
CA TYR A 217 -23.18 1.30 9.00
C TYR A 217 -23.82 2.64 8.63
N THR A 218 -23.12 3.44 7.85
CA THR A 218 -23.73 4.54 7.11
C THR A 218 -24.09 4.02 5.74
N GLN A 219 -25.33 4.22 5.32
N GLN A 219 -25.32 4.26 5.30
CA GLN A 219 -25.81 3.68 4.06
CA GLN A 219 -25.84 3.67 4.07
C GLN A 219 -26.51 4.77 3.27
C GLN A 219 -26.54 4.76 3.26
N PHE A 220 -26.12 4.93 2.01
CA PHE A 220 -26.74 5.87 1.08
C PHE A 220 -27.52 5.04 0.06
N SER A 221 -28.83 5.27 -0.02
CA SER A 221 -29.70 4.54 -0.94
C SER A 221 -30.44 5.53 -1.83
N PRO A 222 -30.76 5.15 -3.06
CA PRO A 222 -31.50 6.05 -3.95
C PRO A 222 -32.81 6.48 -3.30
N ALA A 223 -33.12 7.76 -3.46
CA ALA A 223 -34.34 8.32 -2.92
C ALA A 223 -35.52 7.99 -3.84
N SER A 224 -36.73 8.30 -3.35
CA SER A 224 -37.95 8.04 -4.12
C SER A 224 -38.16 9.04 -5.25
N ARG A 225 -37.56 10.22 -5.18
CA ARG A 225 -37.70 11.24 -6.21
C ARG A 225 -36.37 11.98 -6.34
N ALA A 226 -36.31 12.90 -7.30
CA ALA A 226 -35.11 13.68 -7.55
C ALA A 226 -35.22 15.05 -6.90
N VAL A 227 -34.06 15.67 -6.66
CA VAL A 227 -33.97 17.03 -6.15
C VAL A 227 -33.53 17.92 -7.30
N ASP A 228 -34.45 18.77 -7.78
CA ASP A 228 -34.25 19.58 -8.98
C ASP A 228 -33.94 18.63 -10.13
N GLY A 229 -32.81 18.75 -10.82
CA GLY A 229 -32.46 17.84 -11.90
C GLY A 229 -31.44 16.79 -11.53
N GLU A 230 -31.19 16.57 -10.23
CA GLU A 230 -30.16 15.64 -9.81
C GLU A 230 -30.78 14.48 -9.03
N PRO A 231 -30.31 13.25 -9.26
CA PRO A 231 -30.73 12.13 -8.42
C PRO A 231 -30.34 12.38 -6.98
N ALA A 232 -31.20 11.94 -6.05
CA ALA A 232 -30.97 12.17 -4.64
C ALA A 232 -30.82 10.84 -3.91
N PHE A 233 -30.17 10.91 -2.76
CA PHE A 233 -29.93 9.74 -1.93
C PHE A 233 -30.34 10.03 -0.50
N ILE A 234 -30.84 9.00 0.17
CA ILE A 234 -31.19 9.06 1.58
C ILE A 234 -30.08 8.41 2.37
N ARG A 235 -29.73 9.00 3.51
CA ARG A 235 -28.70 8.44 4.36
C ARG A 235 -29.34 7.85 5.60
N THR A 236 -28.93 6.64 5.97
CA THR A 236 -29.26 6.07 7.26
C THR A 236 -27.97 5.71 7.99
N ARG A 237 -28.06 5.64 9.31
N ARG A 237 -28.06 5.63 9.31
CA ARG A 237 -26.94 5.25 10.15
CA ARG A 237 -26.94 5.26 10.15
C ARG A 237 -27.43 4.27 11.21
C ARG A 237 -27.41 4.29 11.22
N ASP A 238 -26.75 3.12 11.30
CA ASP A 238 -27.16 2.08 12.22
C ASP A 238 -25.94 1.43 12.87
N LEU A 239 -25.98 1.29 14.18
CA LEU A 239 -24.88 0.70 14.93
C LEU A 239 -25.05 -0.81 15.04
N HIS A 240 -24.01 -1.55 14.63
CA HIS A 240 -23.91 -2.99 14.88
C HIS A 240 -22.88 -3.20 15.97
N ARG A 241 -23.36 -3.61 17.16
CA ARG A 241 -22.53 -3.75 18.34
C ARG A 241 -22.21 -5.23 18.54
N TYR A 242 -20.92 -5.56 18.53
CA TYR A 242 -20.46 -6.94 18.54
C TYR A 242 -19.71 -7.24 19.83
N TYR A 243 -19.91 -8.44 20.35
CA TYR A 243 -19.25 -8.85 21.60
C TYR A 243 -18.27 -9.97 21.31
N PRO A 244 -16.96 -9.71 21.38
CA PRO A 244 -15.98 -10.77 21.14
C PRO A 244 -16.18 -11.93 22.12
N LEU A 245 -16.05 -13.15 21.59
CA LEU A 245 -16.38 -14.37 22.32
C LEU A 245 -15.16 -15.28 22.29
N PRO A 246 -14.32 -15.22 23.32
CA PRO A 246 -13.08 -16.02 23.33
C PRO A 246 -13.38 -17.51 23.38
N HIS A 247 -12.44 -18.31 22.87
CA HIS A 247 -12.59 -19.77 22.89
C HIS A 247 -12.83 -20.29 24.31
N ALA A 248 -12.04 -19.81 25.29
CA ALA A 248 -12.22 -20.29 26.65
C ALA A 248 -13.63 -20.00 27.16
N THR A 249 -14.24 -18.89 26.73
CA THR A 249 -15.59 -18.56 27.15
C THR A 249 -16.60 -19.53 26.53
N VAL A 250 -16.42 -19.86 25.25
CA VAL A 250 -17.31 -20.84 24.62
C VAL A 250 -17.24 -22.18 25.35
N LEU A 251 -16.02 -22.64 25.65
CA LEU A 251 -15.88 -23.92 26.35
C LEU A 251 -16.56 -23.86 27.71
N ARG A 252 -16.43 -22.74 28.41
N ARG A 252 -16.44 -22.73 28.40
CA ARG A 252 -17.08 -22.61 29.71
CA ARG A 252 -17.07 -22.58 29.72
C ARG A 252 -18.60 -22.61 29.57
C ARG A 252 -18.58 -22.56 29.60
N LEU A 253 -19.12 -21.85 28.61
CA LEU A 253 -20.57 -21.80 28.41
C LEU A 253 -21.12 -23.16 28.02
N ALA A 254 -20.37 -23.90 27.20
CA ALA A 254 -20.83 -25.24 26.82
C ALA A 254 -20.92 -26.13 28.04
N ALA A 255 -19.87 -26.11 28.88
CA ALA A 255 -19.86 -26.95 30.09
C ALA A 255 -20.96 -26.54 31.05
N GLU A 256 -21.22 -25.23 31.18
CA GLU A 256 -22.22 -24.77 32.14
C GLU A 256 -23.65 -25.02 31.70
N HIS A 257 -23.89 -25.26 30.40
CA HIS A 257 -25.25 -25.33 29.89
C HIS A 257 -25.58 -26.67 29.24
N GLY A 258 -24.88 -27.73 29.64
CA GLY A 258 -25.30 -29.06 29.24
C GLY A 258 -24.81 -29.53 27.89
N PHE A 259 -23.68 -29.02 27.42
CA PHE A 259 -23.09 -29.47 26.17
C PHE A 259 -21.71 -30.07 26.43
N THR A 260 -21.24 -30.84 25.45
CA THR A 260 -19.94 -31.48 25.52
C THR A 260 -19.35 -31.53 24.12
N ASP A 261 -18.06 -31.87 24.06
CA ASP A 261 -17.35 -32.06 22.79
C ASP A 261 -17.40 -30.79 21.92
N ALA A 262 -17.19 -29.65 22.55
CA ALA A 262 -17.19 -28.38 21.81
C ALA A 262 -15.92 -28.30 20.96
N ARG A 263 -16.10 -28.01 19.67
CA ARG A 263 -15.00 -27.98 18.72
C ARG A 263 -15.15 -26.77 17.80
N ALA A 264 -14.03 -26.18 17.45
CA ALA A 264 -14.01 -25.02 16.56
C ALA A 264 -13.31 -25.38 15.25
N HIS A 265 -13.90 -24.93 14.15
CA HIS A 265 -13.30 -25.04 12.83
C HIS A 265 -13.32 -23.67 12.17
N ASP A 266 -12.55 -23.53 11.09
CA ASP A 266 -12.46 -22.28 10.36
C ASP A 266 -13.57 -22.23 9.31
N ASN A 267 -14.59 -21.42 9.58
CA ASN A 267 -15.59 -20.99 8.58
C ASN A 267 -16.18 -22.16 7.79
N TYR A 268 -16.69 -23.15 8.52
CA TYR A 268 -17.45 -24.26 7.94
C TYR A 268 -16.61 -25.12 7.01
N SER A 269 -15.31 -25.11 7.20
CA SER A 269 -14.39 -26.02 6.53
C SER A 269 -13.87 -27.00 7.56
N SER A 270 -13.07 -27.96 7.09
CA SER A 270 -12.44 -28.90 8.00
C SER A 270 -11.17 -28.36 8.64
N ASP A 271 -10.75 -27.14 8.26
CA ASP A 271 -9.54 -26.56 8.83
C ASP A 271 -9.79 -26.17 10.29
N PRO A 272 -8.76 -26.23 11.13
CA PRO A 272 -8.91 -25.78 12.52
C PRO A 272 -9.05 -24.27 12.61
N SER A 273 -9.68 -23.84 13.69
CA SER A 273 -9.71 -22.42 14.03
C SER A 273 -8.28 -21.98 14.36
N GLY A 274 -7.91 -20.79 13.89
CA GLY A 274 -6.60 -20.27 14.13
C GLY A 274 -6.60 -18.76 14.28
N PRO A 275 -5.41 -18.20 14.53
CA PRO A 275 -5.30 -16.76 14.76
C PRO A 275 -5.70 -15.91 13.57
N HIS A 276 -5.72 -16.47 12.36
CA HIS A 276 -6.15 -15.73 11.17
C HIS A 276 -7.59 -16.00 10.77
N THR A 277 -8.29 -16.86 11.52
CA THR A 277 -9.66 -17.20 11.17
C THR A 277 -10.58 -15.98 11.30
N LEU A 278 -11.36 -15.73 10.24
CA LEU A 278 -12.34 -14.65 10.28
C LEU A 278 -13.61 -15.08 10.99
N TYR A 279 -14.06 -16.32 10.75
CA TYR A 279 -15.31 -16.83 11.30
C TYR A 279 -15.05 -18.18 11.96
N ASP A 280 -15.18 -18.24 13.27
CA ASP A 280 -15.03 -19.48 14.03
C ASP A 280 -16.36 -20.22 14.03
N THR A 281 -16.36 -21.47 13.53
CA THR A 281 -17.54 -22.32 13.54
C THR A 281 -17.44 -23.24 14.74
N TRP A 282 -18.40 -23.13 15.66
CA TRP A 282 -18.46 -23.97 16.84
C TRP A 282 -19.54 -25.03 16.67
N THR A 283 -19.20 -26.27 17.03
CA THR A 283 -20.16 -27.35 17.17
C THR A 283 -20.08 -27.91 18.58
N MET A 284 -21.20 -28.39 19.10
CA MET A 284 -21.21 -29.05 20.40
C MET A 284 -22.42 -29.97 20.48
N VAL A 285 -22.36 -30.94 21.40
CA VAL A 285 -23.35 -32.01 21.52
C VAL A 285 -24.06 -31.89 22.86
N ARG A 286 -25.39 -31.98 22.84
CA ARG A 286 -26.18 -31.94 24.06
C ARG A 286 -25.97 -33.22 24.88
N THR A 287 -25.72 -33.05 26.18
CA THR A 287 -25.57 -34.19 27.09
C THR A 287 -26.93 -34.60 27.64
N GLY A 288 -26.92 -35.51 28.60
CA GLY A 288 -28.13 -35.90 29.29
C GLY A 288 -28.48 -35.08 30.52
N SER A 289 -27.79 -33.97 30.76
CA SER A 289 -28.06 -33.19 31.95
C SER A 289 -29.39 -32.47 31.84
N LEU A 290 -30.00 -32.21 32.99
CA LEU A 290 -31.21 -31.40 33.05
C LEU A 290 -30.82 -29.93 33.06
N GLU A 291 -31.32 -29.18 32.08
CA GLU A 291 -31.04 -27.75 32.01
C GLU A 291 -32.33 -26.95 32.18
N PRO B 28 -13.68 18.20 -17.00
CA PRO B 28 -12.28 17.81 -16.79
C PRO B 28 -11.61 18.56 -15.63
N ASP B 29 -12.41 19.09 -14.70
CA ASP B 29 -11.88 19.71 -13.50
C ASP B 29 -12.27 18.88 -12.30
N PRO B 30 -11.42 17.99 -11.82
CA PRO B 30 -11.79 17.17 -10.65
C PRO B 30 -12.00 17.98 -9.39
N TYR B 31 -11.47 19.21 -9.31
CA TYR B 31 -11.64 20.05 -8.14
C TYR B 31 -12.91 20.89 -8.18
N GLY B 32 -13.67 20.86 -9.27
CA GLY B 32 -14.89 21.65 -9.33
C GLY B 32 -15.87 21.31 -8.22
N ASN B 33 -16.05 20.01 -7.95
CA ASN B 33 -16.97 19.60 -6.89
C ASN B 33 -16.33 19.63 -5.51
N LEU B 34 -15.00 19.72 -5.45
CA LEU B 34 -14.27 19.65 -4.20
C LEU B 34 -13.97 21.03 -3.60
N ALA B 35 -14.01 22.08 -4.42
CA ALA B 35 -13.47 23.38 -4.01
C ALA B 35 -14.11 23.90 -2.74
N GLU B 36 -15.43 23.72 -2.57
N GLU B 36 -15.44 23.74 -2.60
CA GLU B 36 -16.12 24.31 -1.43
CA GLU B 36 -16.15 24.27 -1.44
C GLU B 36 -15.84 23.58 -0.12
C GLU B 36 -15.64 23.65 -0.14
N SER B 37 -15.32 22.36 -0.17
CA SER B 37 -14.93 21.63 1.04
C SER B 37 -13.43 21.35 1.10
N TYR B 38 -12.66 21.87 0.14
CA TYR B 38 -11.25 21.52 0.04
C TYR B 38 -10.47 21.90 1.29
N ASP B 39 -10.70 23.12 1.81
CA ASP B 39 -9.93 23.56 2.97
C ASP B 39 -10.16 22.66 4.18
N ARG B 40 -11.40 22.22 4.40
CA ARG B 40 -11.67 21.31 5.51
C ARG B 40 -10.99 19.97 5.30
N LEU B 41 -11.00 19.48 4.06
N LEU B 41 -11.02 19.47 4.07
CA LEU B 41 -10.33 18.21 3.76
CA LEU B 41 -10.31 18.23 3.76
C LEU B 41 -8.81 18.34 3.86
C LEU B 41 -8.82 18.38 3.98
N ALA B 42 -8.26 19.49 3.50
CA ALA B 42 -6.82 19.70 3.63
C ALA B 42 -6.41 19.67 5.09
N GLN B 43 -7.23 20.27 5.97
CA GLN B 43 -6.95 20.21 7.39
C GLN B 43 -7.04 18.79 7.92
N TRP B 44 -8.04 18.03 7.45
CA TRP B 44 -8.13 16.63 7.84
C TRP B 44 -6.90 15.85 7.39
N ALA B 45 -6.41 16.12 6.19
CA ALA B 45 -5.22 15.43 5.70
C ALA B 45 -3.99 15.78 6.51
N ILE B 46 -3.90 17.01 7.01
CA ILE B 46 -2.85 17.36 7.96
C ILE B 46 -3.03 16.58 9.26
N ASP B 47 -4.27 16.54 9.76
CA ASP B 47 -4.51 15.89 11.04
C ASP B 47 -4.40 14.37 10.95
N GLN B 48 -4.70 13.78 9.80
CA GLN B 48 -4.85 12.34 9.72
C GLN B 48 -3.98 11.63 8.68
N GLN B 49 -3.44 12.35 7.69
CA GLN B 49 -2.66 11.72 6.63
C GLN B 49 -1.25 12.28 6.55
N GLN B 50 -0.81 12.96 7.60
CA GLN B 50 0.57 13.46 7.74
C GLN B 50 0.94 14.50 6.69
N GLU B 51 -0.04 15.13 6.04
CA GLU B 51 0.29 16.25 5.16
C GLU B 51 0.86 17.39 5.98
N SER B 52 1.76 18.15 5.36
N SER B 52 1.74 18.16 5.36
CA SER B 52 2.40 19.27 6.05
CA SER B 52 2.40 19.24 6.08
C SER B 52 1.43 20.44 6.14
C SER B 52 1.50 20.46 6.13
N PRO B 53 1.26 21.04 7.31
CA PRO B 53 0.55 22.33 7.36
C PRO B 53 1.34 23.36 6.57
N ARG B 54 0.62 24.33 5.99
CA ARG B 54 1.30 25.30 5.14
C ARG B 54 2.31 26.15 5.91
N ASP B 55 2.12 26.33 7.23
CA ASP B 55 3.17 27.06 7.97
C ASP B 55 4.46 26.26 8.03
N ARG B 56 4.37 24.93 8.10
N ARG B 56 4.38 24.93 8.08
CA ARG B 56 5.59 24.12 8.03
CA ARG B 56 5.59 24.11 8.04
C ARG B 56 6.24 24.22 6.65
C ARG B 56 6.24 24.16 6.66
N VAL B 57 5.43 24.19 5.60
CA VAL B 57 5.96 24.42 4.26
C VAL B 57 6.65 25.76 4.20
N GLY B 58 6.01 26.79 4.79
CA GLY B 58 6.63 28.11 4.81
C GLY B 58 7.96 28.13 5.53
N ASP B 59 8.06 27.40 6.66
CA ASP B 59 9.32 27.32 7.38
C ASP B 59 10.39 26.66 6.52
N PHE B 60 10.03 25.58 5.83
CA PHE B 60 10.98 24.91 4.96
C PHE B 60 11.47 25.83 3.85
N LEU B 61 10.53 26.54 3.21
CA LEU B 61 10.91 27.43 2.11
C LEU B 61 11.82 28.54 2.59
N GLN B 62 11.50 29.16 3.72
N GLN B 62 11.50 29.16 3.73
CA GLN B 62 12.36 30.24 4.20
CA GLN B 62 12.32 30.24 4.25
C GLN B 62 13.75 29.73 4.56
C GLN B 62 13.73 29.74 4.58
N THR B 63 13.83 28.56 5.19
CA THR B 63 15.14 27.99 5.49
C THR B 63 15.93 27.69 4.22
N PHE B 64 15.24 27.16 3.20
CA PHE B 64 15.89 26.87 1.93
C PHE B 64 16.35 28.15 1.25
N TRP B 65 15.46 29.15 1.15
CA TRP B 65 15.81 30.39 0.46
C TRP B 65 16.91 31.15 1.19
N GLN B 66 16.89 31.11 2.52
N GLN B 66 16.91 31.11 2.52
CA GLN B 66 17.93 31.79 3.29
CA GLN B 66 17.96 31.83 3.24
C GLN B 66 19.31 31.18 3.03
C GLN B 66 19.32 31.18 3.07
N SER B 67 19.38 29.93 2.62
CA SER B 67 20.63 29.28 2.32
C SER B 67 21.13 29.58 0.91
N GLN B 68 20.32 30.26 0.10
CA GLN B 68 20.65 30.57 -1.29
C GLN B 68 21.24 31.97 -1.39
N ASP B 69 22.07 32.17 -2.42
CA ASP B 69 22.70 33.47 -2.59
C ASP B 69 21.72 34.54 -3.05
N ARG B 70 20.79 34.18 -3.93
CA ARG B 70 19.94 35.21 -4.53
C ARG B 70 18.71 35.43 -3.67
N PRO B 71 18.43 36.68 -3.25
CA PRO B 71 17.27 36.94 -2.39
C PRO B 71 15.95 36.63 -3.08
N VAL B 72 14.94 36.35 -2.27
CA VAL B 72 13.59 36.03 -2.74
C VAL B 72 12.61 37.07 -2.20
N ARG B 73 11.92 37.75 -3.12
N ARG B 73 11.94 37.76 -3.12
CA ARG B 73 10.84 38.67 -2.80
CA ARG B 73 10.79 38.59 -2.74
C ARG B 73 9.53 38.30 -3.48
C ARG B 73 9.52 38.16 -3.45
N THR B 74 9.57 37.94 -4.77
CA THR B 74 8.39 37.57 -5.53
C THR B 74 8.34 36.06 -5.70
N VAL B 75 7.16 35.48 -5.52
CA VAL B 75 6.98 34.04 -5.59
C VAL B 75 5.74 33.73 -6.40
N LEU B 76 5.87 32.83 -7.36
CA LEU B 76 4.73 32.27 -8.07
C LEU B 76 4.45 30.91 -7.48
N GLU B 77 3.21 30.67 -7.06
CA GLU B 77 2.78 29.31 -6.75
C GLU B 77 1.92 28.79 -7.89
N ILE B 78 2.40 27.76 -8.56
CA ILE B 78 1.59 27.06 -9.55
C ILE B 78 0.80 25.97 -8.86
N CYS B 79 -0.42 25.73 -9.35
CA CYS B 79 -1.38 24.85 -8.67
C CYS B 79 -1.75 25.41 -7.30
N CYS B 80 -2.09 26.70 -7.29
CA CYS B 80 -2.29 27.41 -6.02
C CYS B 80 -3.60 27.03 -5.33
N GLY B 81 -4.52 26.38 -6.02
CA GLY B 81 -5.73 25.90 -5.36
C GLY B 81 -6.53 27.05 -4.76
N THR B 82 -7.00 26.84 -3.53
CA THR B 82 -7.74 27.85 -2.78
C THR B 82 -6.84 28.89 -2.12
N GLY B 83 -5.53 28.83 -2.34
CA GLY B 83 -4.62 29.84 -1.86
C GLY B 83 -4.09 29.66 -0.45
N LEU B 84 -4.18 28.46 0.12
CA LEU B 84 -3.65 28.26 1.47
C LEU B 84 -2.17 28.61 1.54
N MET B 85 -1.40 28.20 0.53
CA MET B 85 0.03 28.48 0.53
C MET B 85 0.31 29.93 0.15
N LEU B 86 -0.52 30.52 -0.71
CA LEU B 86 -0.38 31.94 -1.04
C LEU B 86 -0.51 32.80 0.21
N ALA B 87 -1.51 32.51 1.04
CA ALA B 87 -1.71 33.31 2.25
C ALA B 87 -0.52 33.16 3.20
N GLU B 88 0.00 31.94 3.33
CA GLU B 88 1.13 31.71 4.23
C GLU B 88 2.35 32.52 3.79
N LEU B 89 2.65 32.50 2.49
CA LEU B 89 3.78 33.27 1.98
C LEU B 89 3.55 34.77 2.07
N ALA B 90 2.33 35.23 1.78
CA ALA B 90 2.07 36.67 1.90
C ALA B 90 2.23 37.14 3.34
N ARG B 91 1.83 36.31 4.31
N ARG B 91 1.82 36.31 4.31
CA ARG B 91 1.97 36.71 5.71
CA ARG B 91 1.96 36.66 5.72
C ARG B 91 3.43 36.87 6.10
C ARG B 91 3.42 36.85 6.11
N ARG B 92 4.32 36.13 5.44
CA ARG B 92 5.76 36.22 5.69
C ARG B 92 6.44 37.33 4.91
N GLY B 93 5.69 38.10 4.13
CA GLY B 93 6.23 39.27 3.46
C GLY B 93 6.53 39.09 2.00
N TYR B 94 6.27 37.91 1.43
CA TYR B 94 6.52 37.70 0.03
C TYR B 94 5.40 38.30 -0.82
N VAL B 95 5.75 38.70 -2.03
CA VAL B 95 4.81 39.22 -3.00
C VAL B 95 4.42 38.05 -3.89
N VAL B 96 3.18 37.56 -3.74
CA VAL B 96 2.80 36.26 -4.29
C VAL B 96 1.83 36.41 -5.45
N THR B 97 1.96 35.49 -6.39
CA THR B 97 1.05 35.30 -7.52
C THR B 97 0.69 33.83 -7.54
N GLY B 98 -0.56 33.53 -7.88
CA GLY B 98 -1.02 32.16 -7.97
C GLY B 98 -1.51 31.81 -9.36
N LEU B 99 -1.38 30.54 -9.72
CA LEU B 99 -1.87 30.03 -10.99
C LEU B 99 -2.56 28.70 -10.72
N ASP B 100 -3.72 28.49 -11.35
CA ASP B 100 -4.44 27.24 -11.22
C ASP B 100 -5.39 27.10 -12.41
N ARG B 101 -5.67 25.86 -12.80
CA ARG B 101 -6.59 25.65 -13.92
C ARG B 101 -8.05 25.70 -13.49
N SER B 102 -8.35 25.57 -12.20
CA SER B 102 -9.72 25.41 -11.73
C SER B 102 -10.32 26.76 -11.35
N ALA B 103 -11.37 27.16 -12.09
CA ALA B 103 -12.08 28.38 -11.73
C ALA B 103 -12.70 28.27 -10.34
N ALA B 104 -13.21 27.08 -9.99
CA ALA B 104 -13.81 26.88 -8.68
C ALA B 104 -12.78 27.08 -7.56
N MET B 105 -11.59 26.51 -7.72
CA MET B 105 -10.55 26.70 -6.71
C MET B 105 -10.13 28.17 -6.65
N LEU B 106 -9.96 28.82 -7.81
CA LEU B 106 -9.53 30.21 -7.83
C LEU B 106 -10.58 31.15 -7.23
N GLU B 107 -11.86 30.80 -7.32
N GLU B 107 -11.86 30.80 -7.32
CA GLU B 107 -12.88 31.61 -6.63
CA GLU B 107 -12.88 31.61 -6.63
C GLU B 107 -12.62 31.62 -5.13
C GLU B 107 -12.62 31.62 -5.14
N GLN B 108 -12.24 30.47 -4.57
CA GLN B 108 -11.90 30.42 -3.15
C GLN B 108 -10.64 31.21 -2.86
N ALA B 109 -9.64 31.12 -3.75
CA ALA B 109 -8.41 31.87 -3.55
C ALA B 109 -8.66 33.37 -3.61
N ARG B 110 -9.56 33.80 -4.50
CA ARG B 110 -9.88 35.23 -4.57
C ARG B 110 -10.50 35.72 -3.27
N ALA B 111 -11.39 34.92 -2.67
CA ALA B 111 -12.02 35.31 -1.42
C ALA B 111 -10.99 35.38 -0.30
N ARG B 112 -10.03 34.46 -0.30
N ARG B 112 -10.00 34.49 -0.33
CA ARG B 112 -8.99 34.49 0.73
CA ARG B 112 -8.99 34.44 0.72
C ARG B 112 -8.08 35.70 0.55
C ARG B 112 -7.96 35.56 0.57
N MET B 113 -7.56 35.89 -0.66
CA MET B 113 -6.47 36.83 -0.88
C MET B 113 -6.93 38.25 -1.11
N GLY B 114 -8.18 38.45 -1.52
CA GLY B 114 -8.63 39.79 -1.87
C GLY B 114 -8.28 40.16 -3.29
N GLY B 115 -8.58 41.41 -3.64
CA GLY B 115 -8.51 41.82 -5.03
C GLY B 115 -7.13 42.14 -5.55
N LYS B 116 -6.15 42.40 -4.68
CA LYS B 116 -4.85 42.84 -5.16
C LYS B 116 -3.99 41.69 -5.68
N THR B 117 -4.21 40.48 -5.20
CA THR B 117 -3.34 39.36 -5.58
C THR B 117 -3.62 38.92 -7.02
N THR B 118 -2.56 38.77 -7.80
CA THR B 118 -2.72 38.26 -9.16
C THR B 118 -2.99 36.76 -9.12
N LEU B 119 -4.11 36.35 -9.70
CA LEU B 119 -4.48 34.95 -9.83
C LEU B 119 -4.67 34.67 -11.31
N ILE B 120 -3.95 33.67 -11.82
CA ILE B 120 -3.91 33.34 -13.23
C ILE B 120 -4.66 32.02 -13.41
N ARG B 121 -5.66 32.01 -14.27
N ARG B 121 -5.68 32.02 -14.26
CA ARG B 121 -6.33 30.76 -14.63
CA ARG B 121 -6.33 30.77 -14.65
C ARG B 121 -5.67 30.21 -15.90
C ARG B 121 -5.62 30.25 -15.90
N ALA B 122 -4.92 29.12 -15.74
CA ALA B 122 -4.20 28.51 -16.85
C ALA B 122 -3.93 27.07 -16.47
N GLU B 123 -3.78 26.21 -17.48
CA GLU B 123 -3.46 24.81 -17.26
C GLU B 123 -1.99 24.59 -17.59
N LEU B 124 -1.21 24.17 -16.60
CA LEU B 124 0.17 23.81 -16.84
C LEU B 124 0.22 22.79 -17.98
N PRO B 125 1.22 22.86 -18.87
CA PRO B 125 2.45 23.68 -18.78
C PRO B 125 2.34 25.14 -19.22
N ASP B 126 1.16 25.64 -19.57
CA ASP B 126 1.02 27.05 -19.91
C ASP B 126 1.20 27.89 -18.65
N ILE B 127 2.16 28.81 -18.67
CA ILE B 127 2.29 29.83 -17.63
C ILE B 127 2.31 31.18 -18.30
N PRO B 128 1.17 31.83 -18.45
CA PRO B 128 1.18 33.15 -19.12
C PRO B 128 1.63 34.23 -18.17
N ALA B 129 2.96 34.41 -18.09
CA ALA B 129 3.60 35.38 -17.22
C ALA B 129 5.02 35.57 -17.73
N PRO B 130 5.62 36.74 -17.51
CA PRO B 130 6.91 37.05 -18.14
C PRO B 130 8.11 36.71 -17.27
N ALA B 131 9.25 36.55 -17.96
CA ALA B 131 10.53 36.36 -17.30
C ALA B 131 10.96 37.63 -16.59
N GLY B 132 12.02 37.51 -15.79
CA GLY B 132 12.51 38.65 -15.04
C GLY B 132 11.55 39.15 -14.00
N GLU B 133 10.62 38.30 -13.53
CA GLU B 133 9.59 38.70 -12.60
C GLU B 133 9.59 37.93 -11.29
N PHE B 134 9.74 36.60 -11.31
CA PHE B 134 9.64 35.79 -10.09
C PHE B 134 11.01 35.33 -9.59
N ASP B 135 11.24 35.53 -8.29
CA ASP B 135 12.46 35.08 -7.66
C ASP B 135 12.42 33.61 -7.27
N ALA B 136 11.23 33.03 -7.14
CA ALA B 136 11.05 31.64 -6.78
C ALA B 136 9.71 31.15 -7.33
N VAL B 137 9.64 29.85 -7.61
CA VAL B 137 8.39 29.19 -7.98
C VAL B 137 8.20 28.03 -7.02
N VAL B 138 6.97 27.84 -6.57
CA VAL B 138 6.63 26.77 -5.64
C VAL B 138 5.37 26.08 -6.12
N SER B 139 5.20 24.83 -5.68
CA SER B 139 3.95 24.10 -5.95
C SER B 139 3.71 23.17 -4.78
N ALA B 140 2.93 23.65 -3.81
CA ALA B 140 2.72 22.91 -2.56
C ALA B 140 1.48 22.01 -2.64
N ALA B 141 1.56 20.88 -1.95
CA ALA B 141 0.41 20.01 -1.74
C ALA B 141 -0.03 19.29 -3.02
N GLY B 142 0.92 18.95 -3.89
CA GLY B 142 0.74 17.85 -4.81
C GLY B 142 0.09 18.12 -6.15
N GLY B 143 -0.06 19.38 -6.57
CA GLY B 143 -0.63 19.63 -7.88
C GLY B 143 0.15 18.97 -9.02
N LEU B 144 1.47 18.88 -8.89
CA LEU B 144 2.24 18.28 -9.98
C LEU B 144 2.04 16.77 -10.10
N ASN B 145 1.43 16.12 -9.11
CA ASN B 145 1.04 14.72 -9.29
C ASN B 145 0.07 14.55 -10.46
N TYR B 146 -0.65 15.61 -10.86
CA TYR B 146 -1.66 15.50 -11.92
C TYR B 146 -1.06 15.60 -13.32
N LEU B 147 0.23 15.83 -13.47
CA LEU B 147 0.81 16.08 -14.78
C LEU B 147 1.51 14.82 -15.29
N SER B 148 1.30 14.50 -16.57
CA SER B 148 2.06 13.44 -17.20
C SER B 148 3.53 13.83 -17.30
N GLU B 149 4.38 12.86 -17.67
CA GLU B 149 5.80 13.16 -17.77
C GLU B 149 6.08 14.26 -18.79
N SER B 150 5.41 14.21 -19.95
CA SER B 150 5.63 15.28 -20.94
C SER B 150 5.08 16.61 -20.45
N GLN B 151 3.98 16.61 -19.69
N GLN B 151 3.95 16.60 -19.72
CA GLN B 151 3.42 17.87 -19.20
CA GLN B 151 3.42 17.85 -19.19
C GLN B 151 4.30 18.47 -18.11
C GLN B 151 4.37 18.46 -18.17
N ILE B 152 4.89 17.64 -17.27
CA ILE B 152 5.80 18.18 -16.26
C ILE B 152 7.12 18.59 -16.88
N SER B 153 7.55 17.91 -17.96
CA SER B 153 8.75 18.33 -18.66
C SER B 153 8.58 19.74 -19.20
N ALA B 154 7.46 20.00 -19.88
CA ALA B 154 7.21 21.34 -20.38
C ALA B 154 7.03 22.34 -19.25
N THR B 155 6.51 21.91 -18.11
CA THR B 155 6.37 22.80 -16.96
C THR B 155 7.74 23.17 -16.41
N PHE B 156 8.66 22.20 -16.31
CA PHE B 156 10.03 22.54 -15.93
C PHE B 156 10.60 23.59 -16.87
N GLY B 157 10.35 23.47 -18.17
CA GLY B 157 10.84 24.47 -19.11
C GLY B 157 10.21 25.83 -18.90
N ALA B 158 8.90 25.86 -18.65
CA ALA B 158 8.21 27.13 -18.41
C ALA B 158 8.73 27.80 -17.14
N VAL B 159 8.92 27.02 -16.07
CA VAL B 159 9.47 27.55 -14.82
C VAL B 159 10.89 28.08 -15.04
N ALA B 160 11.72 27.34 -15.80
CA ALA B 160 13.09 27.77 -16.05
C ALA B 160 13.11 29.10 -16.79
N ARG B 161 12.15 29.32 -17.69
N ARG B 161 12.16 29.30 -17.71
CA ARG B 161 12.11 30.57 -18.42
CA ARG B 161 12.06 30.55 -18.44
C ARG B 161 11.73 31.73 -17.51
C ARG B 161 11.76 31.72 -17.49
N LEU B 162 10.98 31.45 -16.44
CA LEU B 162 10.57 32.50 -15.52
C LEU B 162 11.62 32.86 -14.49
N LEU B 163 12.56 31.95 -14.22
CA LEU B 163 13.46 32.17 -13.10
C LEU B 163 14.80 32.72 -13.57
N PRO B 164 15.34 33.70 -12.84
CA PRO B 164 16.71 34.13 -13.11
C PRO B 164 17.68 33.10 -12.58
N ALA B 165 18.92 33.18 -13.06
CA ALA B 165 19.99 32.36 -12.49
C ALA B 165 20.04 32.56 -10.97
N GLY B 166 20.06 31.44 -10.24
CA GLY B 166 20.02 31.49 -8.80
C GLY B 166 18.64 31.48 -8.19
N GLY B 167 17.59 31.65 -8.99
CA GLY B 167 16.25 31.39 -8.52
C GLY B 167 16.01 29.91 -8.31
N THR B 168 14.94 29.57 -7.60
CA THR B 168 14.69 28.18 -7.21
C THR B 168 13.28 27.74 -7.53
N PHE B 169 13.11 26.42 -7.62
CA PHE B 169 11.84 25.76 -7.88
C PHE B 169 11.69 24.70 -6.80
N THR B 170 10.55 24.70 -6.09
CA THR B 170 10.27 23.74 -5.03
C THR B 170 8.88 23.17 -5.24
N PHE B 171 8.73 21.87 -5.09
CA PHE B 171 7.42 21.25 -5.22
C PHE B 171 7.42 19.94 -4.46
N ASP B 172 6.24 19.38 -4.25
CA ASP B 172 6.13 18.03 -3.71
C ASP B 172 5.30 17.15 -4.61
N VAL B 173 5.63 15.84 -4.60
CA VAL B 173 4.87 14.81 -5.27
C VAL B 173 4.80 13.61 -4.34
N PHE B 174 3.93 12.65 -4.67
CA PHE B 174 3.82 11.45 -3.85
C PHE B 174 5.13 10.69 -3.83
N GLY B 175 5.48 10.17 -2.64
CA GLY B 175 6.66 9.35 -2.47
C GLY B 175 6.35 7.87 -2.46
N GLN B 176 7.42 7.07 -2.28
N GLN B 176 7.42 7.07 -2.27
CA GLN B 176 7.31 5.61 -2.28
CA GLN B 176 7.26 5.62 -2.31
C GLN B 176 6.32 5.13 -1.24
C GLN B 176 6.30 5.12 -1.24
N GLY B 177 6.33 5.72 -0.05
CA GLY B 177 5.45 5.29 1.00
C GLY B 177 3.98 5.52 0.69
N PHE B 178 3.69 6.54 -0.12
CA PHE B 178 2.31 6.78 -0.54
C PHE B 178 1.81 5.66 -1.44
N TYR B 179 2.57 5.34 -2.49
CA TYR B 179 2.12 4.29 -3.39
C TYR B 179 2.07 2.95 -2.69
N ALA B 180 2.98 2.70 -1.74
CA ALA B 180 2.93 1.46 -0.99
C ALA B 180 1.71 1.41 -0.08
N LYS B 181 1.33 2.55 0.51
CA LYS B 181 0.29 2.56 1.53
C LYS B 181 -1.11 2.55 0.92
N PHE B 182 -1.33 3.31 -0.14
CA PHE B 182 -2.65 3.45 -0.73
C PHE B 182 -2.84 2.66 -2.00
N PHE B 183 -1.76 2.23 -2.65
CA PHE B 183 -1.86 1.40 -3.84
C PHE B 183 -1.20 0.04 -3.62
N ASP B 184 -1.63 -0.68 -2.58
CA ASP B 184 -1.35 -2.10 -2.41
C ASP B 184 0.09 -2.37 -1.97
N PRO B 185 0.38 -3.56 -1.41
CA PRO B 185 -0.54 -4.64 -1.03
C PRO B 185 -1.07 -4.53 0.40
N SER B 186 -1.96 -5.45 0.79
CA SER B 186 -2.52 -5.54 2.14
C SER B 186 -3.40 -4.35 2.50
N ALA B 187 -3.40 -3.32 1.70
CA ALA B 187 -4.15 -2.12 2.02
C ALA B 187 -5.59 -2.24 1.52
N PRO B 188 -6.54 -1.62 2.21
CA PRO B 188 -7.89 -1.53 1.66
C PRO B 188 -7.88 -0.70 0.39
N ARG B 189 -8.54 -1.21 -0.66
CA ARG B 189 -8.61 -0.48 -1.91
C ARG B 189 -9.62 0.66 -1.87
N VAL B 190 -10.58 0.60 -0.96
N VAL B 190 -10.57 0.64 -0.94
CA VAL B 190 -11.59 1.64 -0.81
CA VAL B 190 -11.65 1.63 -0.89
C VAL B 190 -11.41 2.27 0.56
C VAL B 190 -11.73 2.22 0.51
N MET B 191 -11.42 3.59 0.61
N MET B 191 -11.26 3.46 0.66
CA MET B 191 -11.33 4.34 1.85
CA MET B 191 -11.33 4.19 1.92
C MET B 191 -12.49 5.32 1.89
C MET B 191 -12.55 5.12 1.92
N ALA B 192 -12.80 5.83 3.08
N ALA B 192 -12.73 5.85 3.02
CA ALA B 192 -13.94 6.72 3.21
CA ALA B 192 -13.88 6.75 3.15
C ALA B 192 -13.71 7.68 4.36
C ALA B 192 -13.62 7.75 4.27
N LEU B 193 -14.46 8.78 4.33
CA LEU B 193 -14.39 9.80 5.36
C LEU B 193 -15.76 10.46 5.47
N GLU B 194 -16.25 10.61 6.70
CA GLU B 194 -17.44 11.41 6.97
C GLU B 194 -17.01 12.62 7.76
N LEU B 195 -17.18 13.81 7.16
CA LEU B 195 -16.60 15.03 7.70
C LEU B 195 -17.57 16.17 7.45
N ASP B 196 -18.10 16.75 8.54
CA ASP B 196 -18.96 17.92 8.48
C ASP B 196 -20.16 17.73 7.54
N ASP B 197 -20.80 16.57 7.65
CA ASP B 197 -22.01 16.20 6.90
C ASP B 197 -21.74 15.88 5.43
N ILE B 198 -20.50 16.00 4.96
CA ILE B 198 -20.10 15.48 3.65
C ILE B 198 -19.45 14.12 3.86
N SER B 199 -19.65 13.23 2.89
CA SER B 199 -19.07 11.90 2.93
C SER B 199 -18.31 11.68 1.63
N TYR B 200 -17.11 11.13 1.76
CA TYR B 200 -16.26 10.82 0.62
C TYR B 200 -15.96 9.33 0.63
N ILE B 201 -15.96 8.73 -0.56
CA ILE B 201 -15.53 7.35 -0.74
C ILE B 201 -14.50 7.38 -1.86
N TRP B 202 -13.30 6.88 -1.56
N TRP B 202 -13.27 6.96 -1.57
CA TRP B 202 -12.14 6.93 -2.45
CA TRP B 202 -12.24 7.00 -2.60
C TRP B 202 -11.77 5.52 -2.89
C TRP B 202 -11.68 5.62 -2.89
N THR B 203 -11.51 5.35 -4.18
CA THR B 203 -11.11 4.06 -4.71
C THR B 203 -9.81 4.28 -5.46
N PHE B 204 -8.81 3.46 -5.16
N PHE B 204 -8.80 3.50 -5.09
CA PHE B 204 -7.48 3.55 -5.73
CA PHE B 204 -7.50 3.52 -5.74
C PHE B 204 -7.30 2.37 -6.69
C PHE B 204 -7.43 2.37 -6.72
N THR B 205 -7.08 2.66 -7.97
CA THR B 205 -6.90 1.61 -8.98
C THR B 205 -5.63 1.85 -9.77
N LYS B 206 -4.95 0.76 -10.13
CA LYS B 206 -3.75 0.81 -10.95
C LYS B 206 -4.04 0.07 -12.24
N PRO B 207 -4.36 0.77 -13.33
CA PRO B 207 -4.62 0.07 -14.60
C PRO B 207 -3.38 -0.65 -15.09
N ALA B 208 -3.58 -1.83 -15.65
CA ALA B 208 -2.46 -2.62 -16.13
C ALA B 208 -1.74 -1.89 -17.27
N GLU B 209 -0.41 -1.83 -17.18
CA GLU B 209 0.44 -1.20 -18.19
C GLU B 209 0.14 0.29 -18.37
N ALA B 210 -0.35 0.95 -17.33
CA ALA B 210 -0.58 2.38 -17.49
C ALA B 210 0.49 3.17 -16.77
N PRO B 211 0.85 4.36 -17.26
CA PRO B 211 1.80 5.22 -16.55
C PRO B 211 1.15 6.08 -15.47
N PHE B 212 -0.10 5.81 -15.13
CA PHE B 212 -0.82 6.58 -14.13
C PHE B 212 -1.52 5.63 -13.16
N VAL B 213 -1.98 6.20 -12.05
CA VAL B 213 -2.89 5.52 -11.14
C VAL B 213 -4.10 6.42 -10.95
N ASP B 214 -5.24 5.81 -10.68
CA ASP B 214 -6.51 6.53 -10.59
C ASP B 214 -7.05 6.51 -9.17
N MET B 215 -7.45 7.68 -8.68
CA MET B 215 -8.15 7.81 -7.40
C MET B 215 -9.51 8.40 -7.71
N SER B 216 -10.57 7.62 -7.52
N SER B 216 -10.56 7.60 -7.61
CA SER B 216 -11.92 8.10 -7.75
CA SER B 216 -11.90 8.08 -7.86
C SER B 216 -12.49 8.69 -6.46
C SER B 216 -12.49 8.61 -6.56
N TYR B 217 -12.99 9.92 -6.54
N TYR B 217 -13.16 9.76 -6.66
CA TYR B 217 -13.69 10.57 -5.44
CA TYR B 217 -13.67 10.48 -5.49
C TYR B 217 -15.19 10.44 -5.70
C TYR B 217 -15.19 10.54 -5.58
N THR B 218 -15.88 9.67 -4.85
CA THR B 218 -17.34 9.75 -4.75
C THR B 218 -17.66 10.63 -3.56
N GLN B 219 -18.51 11.63 -3.76
CA GLN B 219 -18.82 12.58 -2.71
C GLN B 219 -20.33 12.66 -2.55
N PHE B 220 -20.80 12.55 -1.30
CA PHE B 220 -22.21 12.75 -0.96
C PHE B 220 -22.34 14.06 -0.19
N SER B 221 -23.09 15.01 -0.75
CA SER B 221 -23.25 16.33 -0.16
C SER B 221 -24.72 16.62 0.12
N PRO B 222 -25.02 17.33 1.20
CA PRO B 222 -26.43 17.65 1.51
C PRO B 222 -27.09 18.39 0.36
N ALA B 223 -28.30 17.95 -0.01
CA ALA B 223 -29.03 18.55 -1.10
C ALA B 223 -29.65 19.87 -0.67
N SER B 224 -30.11 20.64 -1.67
CA SER B 224 -30.70 21.95 -1.39
C SER B 224 -32.00 21.82 -0.63
N ARG B 225 -32.86 20.89 -1.02
CA ARG B 225 -34.13 20.64 -0.35
C ARG B 225 -34.19 19.20 0.13
N ALA B 226 -35.36 18.79 0.59
CA ALA B 226 -35.59 17.44 1.11
C ALA B 226 -36.48 16.66 0.16
N VAL B 227 -36.37 15.34 0.23
CA VAL B 227 -37.20 14.42 -0.53
C VAL B 227 -38.32 13.95 0.39
N ASP B 228 -39.55 14.39 0.10
CA ASP B 228 -40.71 14.12 0.94
C ASP B 228 -40.45 14.61 2.37
N GLY B 229 -40.11 13.69 3.27
CA GLY B 229 -39.88 14.07 4.65
C GLY B 229 -38.51 13.64 5.18
N GLU B 230 -37.54 13.51 4.28
CA GLU B 230 -36.21 13.04 4.64
C GLU B 230 -35.15 13.97 4.07
N PRO B 231 -34.07 14.23 4.80
CA PRO B 231 -32.94 14.97 4.23
C PRO B 231 -32.33 14.15 3.09
N ALA B 232 -31.87 14.84 2.06
CA ALA B 232 -31.35 14.19 0.87
C ALA B 232 -29.92 14.61 0.61
N PHE B 233 -29.24 13.82 -0.20
CA PHE B 233 -27.85 14.06 -0.55
C PHE B 233 -27.68 13.91 -2.05
N ILE B 234 -26.81 14.73 -2.62
CA ILE B 234 -26.44 14.64 -4.02
C ILE B 234 -25.12 13.91 -4.12
N ARG B 235 -25.01 12.99 -5.07
CA ARG B 235 -23.78 12.24 -5.28
C ARG B 235 -23.04 12.79 -6.50
N THR B 236 -21.74 13.03 -6.34
CA THR B 236 -20.87 13.37 -7.46
C THR B 236 -19.71 12.36 -7.50
N ARG B 237 -19.16 12.19 -8.70
CA ARG B 237 -18.03 11.30 -8.92
C ARG B 237 -16.98 12.01 -9.77
N ASP B 238 -15.73 12.00 -9.29
CA ASP B 238 -14.66 12.72 -9.97
C ASP B 238 -13.37 11.91 -9.93
N LEU B 239 -12.71 11.80 -11.07
CA LEU B 239 -11.47 11.04 -11.17
C LEU B 239 -10.28 11.97 -10.97
N HIS B 240 -9.38 11.60 -10.07
CA HIS B 240 -8.09 12.25 -9.90
C HIS B 240 -7.04 11.29 -10.44
N ARG B 241 -6.45 11.63 -11.58
CA ARG B 241 -5.48 10.77 -12.26
C ARG B 241 -4.08 11.26 -11.92
N TYR B 242 -3.30 10.40 -11.28
CA TYR B 242 -1.97 10.73 -10.80
C TYR B 242 -0.91 10.02 -11.63
N TYR B 243 0.22 10.70 -11.82
CA TYR B 243 1.35 10.11 -12.56
C TYR B 243 2.53 9.96 -11.62
N PRO B 244 2.88 8.73 -11.22
CA PRO B 244 4.07 8.55 -10.39
C PRO B 244 5.29 9.13 -11.09
N LEU B 245 6.14 9.79 -10.31
CA LEU B 245 7.29 10.55 -10.82
C LEU B 245 8.57 10.01 -10.19
N PRO B 246 9.25 9.06 -10.84
CA PRO B 246 10.48 8.50 -10.26
C PRO B 246 11.54 9.57 -10.04
N HIS B 247 12.39 9.32 -9.05
CA HIS B 247 13.50 10.25 -8.78
C HIS B 247 14.38 10.43 -10.01
N ALA B 248 14.67 9.34 -10.74
CA ALA B 248 15.53 9.46 -11.91
C ALA B 248 14.91 10.39 -12.94
N THR B 249 13.58 10.40 -13.05
CA THR B 249 12.93 11.31 -13.97
C THR B 249 13.09 12.76 -13.53
N VAL B 250 12.90 13.04 -12.23
CA VAL B 250 13.07 14.41 -11.75
C VAL B 250 14.48 14.89 -12.04
N LEU B 251 15.48 14.04 -11.74
CA LEU B 251 16.86 14.47 -11.94
C LEU B 251 17.16 14.74 -13.41
N ARG B 252 16.63 13.91 -14.30
N ARG B 252 16.63 13.92 -14.31
CA ARG B 252 16.81 14.15 -15.73
CA ARG B 252 16.83 14.15 -15.73
C ARG B 252 16.13 15.44 -16.16
C ARG B 252 16.12 15.42 -16.19
N LEU B 253 14.88 15.64 -15.74
CA LEU B 253 14.15 16.85 -16.10
C LEU B 253 14.86 18.09 -15.58
N ALA B 254 15.40 18.01 -14.36
CA ALA B 254 16.14 19.15 -13.83
C ALA B 254 17.33 19.47 -14.73
N ALA B 255 18.15 18.45 -15.04
CA ALA B 255 19.33 18.66 -15.88
C ALA B 255 18.96 19.20 -17.26
N GLU B 256 17.89 18.66 -17.87
CA GLU B 256 17.51 19.05 -19.23
C GLU B 256 16.99 20.47 -19.32
N HIS B 257 16.52 21.05 -18.21
CA HIS B 257 15.83 22.34 -18.24
C HIS B 257 16.56 23.42 -17.48
N GLY B 258 17.87 23.26 -17.27
CA GLY B 258 18.64 24.35 -16.71
C GLY B 258 18.57 24.48 -15.21
N PHE B 259 18.38 23.37 -14.51
CA PHE B 259 18.43 23.34 -13.06
C PHE B 259 19.61 22.50 -12.58
N THR B 260 20.06 22.82 -11.36
CA THR B 260 21.14 22.09 -10.73
C THR B 260 20.84 21.95 -9.24
N ASP B 261 21.69 21.18 -8.55
CA ASP B 261 21.55 20.99 -7.11
C ASP B 261 20.15 20.50 -6.72
N ALA B 262 19.62 19.55 -7.48
CA ALA B 262 18.31 18.99 -7.16
C ALA B 262 18.44 18.09 -5.93
N ARG B 263 17.59 18.33 -4.93
CA ARG B 263 17.60 17.56 -3.69
C ARG B 263 16.18 17.18 -3.33
N ALA B 264 16.03 15.99 -2.76
CA ALA B 264 14.76 15.51 -2.24
C ALA B 264 14.82 15.46 -0.72
N HIS B 265 13.73 15.84 -0.07
CA HIS B 265 13.57 15.70 1.37
C HIS B 265 12.21 15.11 1.68
N ASP B 266 12.09 14.56 2.89
CA ASP B 266 10.82 13.97 3.31
C ASP B 266 9.88 15.07 3.79
N ASN B 267 8.87 15.37 2.99
CA ASN B 267 7.71 16.15 3.42
C ASN B 267 8.07 17.43 4.17
N TYR B 268 8.82 18.29 3.49
CA TYR B 268 9.11 19.64 4.02
C TYR B 268 9.84 19.59 5.36
N SER B 269 10.68 18.58 5.56
CA SER B 269 11.55 18.47 6.72
C SER B 269 12.99 18.40 6.23
N SER B 270 13.92 18.35 7.19
CA SER B 270 15.32 18.16 6.84
C SER B 270 15.70 16.69 6.70
N ASP B 271 14.76 15.77 6.90
CA ASP B 271 15.05 14.36 6.78
C ASP B 271 15.16 13.95 5.32
N PRO B 272 15.96 12.93 5.01
CA PRO B 272 16.08 12.49 3.61
C PRO B 272 14.83 11.77 3.14
N SER B 273 14.65 11.78 1.82
CA SER B 273 13.67 10.91 1.21
C SER B 273 14.06 9.46 1.45
N GLY B 274 13.07 8.61 1.69
CA GLY B 274 13.33 7.21 1.92
C GLY B 274 12.14 6.33 1.56
N PRO B 275 12.26 5.04 1.88
CA PRO B 275 11.20 4.09 1.46
C PRO B 275 9.85 4.36 2.08
N HIS B 276 9.78 5.07 3.21
CA HIS B 276 8.51 5.31 3.89
C HIS B 276 7.93 6.69 3.59
N THR B 277 8.63 7.51 2.82
CA THR B 277 8.20 8.89 2.60
C THR B 277 6.87 8.91 1.86
N LEU B 278 5.91 9.67 2.41
CA LEU B 278 4.62 9.85 1.75
C LEU B 278 4.67 10.96 0.71
N TYR B 279 5.34 12.06 1.02
CA TYR B 279 5.42 13.22 0.13
C TYR B 279 6.88 13.60 -0.01
N ASP B 280 7.41 13.53 -1.23
CA ASP B 280 8.78 13.93 -1.52
C ASP B 280 8.80 15.41 -1.87
N THR B 281 9.63 16.17 -1.18
CA THR B 281 9.81 17.59 -1.46
C THR B 281 11.07 17.75 -2.28
N TRP B 282 10.94 18.32 -3.47
CA TRP B 282 12.07 18.56 -4.36
C TRP B 282 12.40 20.05 -4.37
N THR B 283 13.69 20.35 -4.29
CA THR B 283 14.18 21.71 -4.48
C THR B 283 15.26 21.66 -5.54
N MET B 284 15.41 22.76 -6.29
CA MET B 284 16.48 22.84 -7.29
C MET B 284 16.71 24.30 -7.62
N VAL B 285 17.84 24.57 -8.26
CA VAL B 285 18.35 25.92 -8.46
C VAL B 285 18.59 26.17 -9.94
N ARG B 286 18.11 27.31 -10.44
CA ARG B 286 18.29 27.65 -11.85
C ARG B 286 19.75 28.00 -12.10
N THR B 287 20.31 27.42 -13.15
CA THR B 287 21.69 27.71 -13.54
C THR B 287 21.74 29.00 -14.36
N GLY B 288 22.94 29.34 -14.81
CA GLY B 288 23.10 30.48 -15.70
C GLY B 288 22.91 30.17 -17.16
N SER B 289 22.30 29.02 -17.48
CA SER B 289 22.12 28.62 -18.86
C SER B 289 20.95 29.35 -19.50
N LEU B 290 20.79 29.14 -20.81
CA LEU B 290 19.71 29.76 -21.57
C LEU B 290 18.58 28.78 -21.84
N GLU B 291 17.34 29.25 -21.75
N THR C 27 35.63 -15.83 -19.74
CA THR C 27 34.65 -16.08 -18.69
C THR C 27 33.26 -15.60 -19.12
N PRO C 28 32.23 -16.39 -18.81
CA PRO C 28 30.87 -16.02 -19.17
C PRO C 28 30.49 -14.65 -18.61
N ASP C 29 29.76 -13.89 -19.43
CA ASP C 29 29.26 -12.57 -19.04
C ASP C 29 27.75 -12.64 -19.15
N PRO C 30 27.05 -12.91 -18.04
CA PRO C 30 25.58 -12.94 -18.12
C PRO C 30 24.98 -11.59 -18.46
N TYR C 31 25.72 -10.50 -18.28
CA TYR C 31 25.19 -9.19 -18.65
C TYR C 31 25.36 -8.86 -20.12
N GLY C 32 26.05 -9.70 -20.89
CA GLY C 32 26.23 -9.44 -22.30
C GLY C 32 24.92 -9.25 -23.04
N ASN C 33 23.97 -10.18 -22.82
CA ASN C 33 22.67 -10.09 -23.48
C ASN C 33 21.71 -9.14 -22.78
N LEU C 34 22.00 -8.76 -21.54
CA LEU C 34 21.13 -7.92 -20.74
C LEU C 34 21.47 -6.42 -20.85
N ALA C 35 22.70 -6.08 -21.25
CA ALA C 35 23.16 -4.70 -21.15
C ALA C 35 22.25 -3.72 -21.87
N GLU C 36 21.73 -4.10 -23.05
N GLU C 36 21.70 -4.10 -23.03
CA GLU C 36 20.90 -3.18 -23.82
CA GLU C 36 20.91 -3.16 -23.82
C GLU C 36 19.65 -2.78 -23.04
C GLU C 36 19.54 -2.84 -23.20
N SER C 37 19.02 -3.72 -22.34
CA SER C 37 17.78 -3.45 -21.63
C SER C 37 17.96 -3.22 -20.13
N TYR C 38 19.21 -3.25 -19.66
CA TYR C 38 19.47 -3.22 -18.22
C TYR C 38 18.91 -1.96 -17.57
N ASP C 39 19.13 -0.79 -18.17
CA ASP C 39 18.70 0.45 -17.51
C ASP C 39 17.18 0.50 -17.36
N ARG C 40 16.46 0.03 -18.37
CA ARG C 40 15.00 0.00 -18.27
C ARG C 40 14.55 -1.00 -17.22
N LEU C 41 15.23 -2.15 -17.15
CA LEU C 41 14.89 -3.16 -16.14
C LEU C 41 15.21 -2.66 -14.73
N ALA C 42 16.35 -1.97 -14.58
CA ALA C 42 16.71 -1.40 -13.28
C ALA C 42 15.68 -0.37 -12.84
N GLN C 43 15.24 0.49 -13.77
CA GLN C 43 14.21 1.45 -13.42
C GLN C 43 12.91 0.76 -13.04
N TRP C 44 12.54 -0.31 -13.76
CA TRP C 44 11.37 -1.10 -13.37
C TRP C 44 11.54 -1.65 -11.95
N ALA C 45 12.73 -2.16 -11.63
CA ALA C 45 12.95 -2.72 -10.30
C ALA C 45 12.83 -1.66 -9.21
N ILE C 46 13.27 -0.42 -9.49
CA ILE C 46 13.08 0.67 -8.54
C ILE C 46 11.60 1.02 -8.42
N ASP C 47 10.93 1.14 -9.56
N ASP C 47 10.93 1.13 -9.56
CA ASP C 47 9.51 1.52 -9.56
CA ASP C 47 9.53 1.55 -9.59
C ASP C 47 8.68 0.50 -8.80
C ASP C 47 8.57 0.44 -9.16
N GLN C 48 9.03 -0.79 -8.86
N GLN C 48 9.03 -0.82 -9.13
CA GLN C 48 8.38 -1.84 -8.10
CA GLN C 48 8.13 -1.95 -8.88
C GLN C 48 8.75 -1.85 -6.62
C GLN C 48 8.65 -3.00 -7.91
N GLN C 49 9.54 -0.88 -6.16
N GLN C 49 9.96 -3.14 -7.70
CA GLN C 49 9.95 -0.78 -4.76
CA GLN C 49 10.51 -4.20 -6.86
C GLN C 49 10.79 -1.97 -4.30
C GLN C 49 11.36 -3.65 -5.71
N GLN C 50 11.55 -2.56 -5.22
N GLN C 50 11.12 -2.41 -5.29
CA GLN C 50 12.56 -3.57 -4.89
CA GLN C 50 11.71 -1.82 -4.09
C GLN C 50 13.91 -2.91 -4.70
C GLN C 50 13.23 -1.67 -4.18
N GLU C 51 14.49 -2.40 -5.80
N GLU C 51 13.80 -1.76 -5.37
CA GLU C 51 15.76 -1.71 -5.73
CA GLU C 51 15.21 -1.42 -5.53
C GLU C 51 15.59 -0.29 -5.20
C GLU C 51 15.42 0.04 -5.18
N SER C 52 16.67 0.24 -4.61
N SER C 52 16.53 0.33 -4.52
CA SER C 52 16.70 1.63 -4.19
CA SER C 52 16.84 1.69 -4.12
C SER C 52 16.97 2.54 -5.39
C SER C 52 17.02 2.58 -5.36
N PRO C 53 16.35 3.72 -5.43
CA PRO C 53 16.76 4.73 -6.41
C PRO C 53 18.23 5.06 -6.18
N ARG C 54 18.95 5.35 -7.27
CA ARG C 54 20.38 5.59 -7.13
C ARG C 54 20.68 6.84 -6.32
N ASP C 55 19.78 7.82 -6.32
CA ASP C 55 20.01 8.99 -5.48
C ASP C 55 19.81 8.68 -3.99
N ARG C 56 19.05 7.65 -3.65
CA ARG C 56 19.00 7.24 -2.25
C ARG C 56 20.33 6.64 -1.82
N VAL C 57 20.92 5.82 -2.70
CA VAL C 57 22.29 5.35 -2.47
C VAL C 57 23.23 6.53 -2.29
N GLY C 58 23.10 7.53 -3.16
CA GLY C 58 23.96 8.71 -3.07
C GLY C 58 23.78 9.45 -1.76
N ASP C 59 22.53 9.62 -1.31
CA ASP C 59 22.28 10.27 -0.03
C ASP C 59 22.92 9.49 1.11
N PHE C 60 22.68 8.17 1.14
CA PHE C 60 23.28 7.30 2.14
C PHE C 60 24.80 7.43 2.18
N LEU C 61 25.44 7.38 1.00
CA LEU C 61 26.90 7.46 0.95
C LEU C 61 27.40 8.80 1.48
N GLN C 62 26.80 9.89 1.02
N GLN C 62 26.76 9.89 1.04
CA GLN C 62 27.26 11.19 1.48
CA GLN C 62 27.23 11.20 1.45
C GLN C 62 27.14 11.34 2.98
C GLN C 62 27.09 11.41 2.96
N THR C 63 26.00 10.90 3.54
CA THR C 63 25.82 11.00 4.99
C THR C 63 26.84 10.14 5.72
N PHE C 64 27.10 8.94 5.20
CA PHE C 64 28.10 8.06 5.80
C PHE C 64 29.49 8.69 5.72
N TRP C 65 29.86 9.20 4.54
CA TRP C 65 31.19 9.79 4.40
C TRP C 65 31.34 11.03 5.26
N GLN C 66 30.27 11.80 5.42
CA GLN C 66 30.32 12.99 6.25
C GLN C 66 30.49 12.68 7.73
N SER C 67 30.13 11.46 8.15
CA SER C 67 30.34 11.03 9.53
C SER C 67 31.77 10.56 9.80
N GLN C 68 32.59 10.38 8.77
CA GLN C 68 33.97 9.97 8.95
C GLN C 68 34.88 11.18 9.04
N ASP C 69 36.04 10.97 9.66
CA ASP C 69 36.99 12.07 9.81
C ASP C 69 37.72 12.36 8.50
N ARG C 70 37.93 11.34 7.67
CA ARG C 70 38.71 11.57 6.46
C ARG C 70 37.79 11.97 5.31
N PRO C 71 38.07 13.09 4.63
CA PRO C 71 37.16 13.55 3.56
C PRO C 71 37.22 12.63 2.35
N VAL C 72 36.16 12.69 1.54
CA VAL C 72 36.03 11.84 0.37
C VAL C 72 35.89 12.71 -0.87
N ARG C 73 36.81 12.53 -1.83
N ARG C 73 36.81 12.54 -1.82
N ARG C 73 36.81 12.52 -1.83
CA ARG C 73 36.71 13.17 -3.13
CA ARG C 73 36.74 13.18 -3.13
CA ARG C 73 36.75 13.19 -3.12
C ARG C 73 36.71 12.17 -4.27
C ARG C 73 36.71 12.17 -4.27
C ARG C 73 36.73 12.20 -4.28
N THR C 74 37.61 11.19 -4.25
CA THR C 74 37.70 10.19 -5.30
C THR C 74 37.01 8.91 -4.85
N VAL C 75 36.24 8.31 -5.76
CA VAL C 75 35.45 7.12 -5.47
C VAL C 75 35.64 6.13 -6.61
N LEU C 76 35.97 4.88 -6.28
CA LEU C 76 35.96 3.77 -7.21
C LEU C 76 34.68 2.98 -6.98
N GLU C 77 33.88 2.80 -8.05
CA GLU C 77 32.76 1.86 -7.99
C GLU C 77 33.16 0.59 -8.72
N ILE C 78 33.28 -0.51 -7.99
CA ILE C 78 33.51 -1.82 -8.60
C ILE C 78 32.16 -2.43 -8.93
N CYS C 79 32.10 -3.14 -10.06
CA CYS C 79 30.83 -3.60 -10.65
C CYS C 79 29.95 -2.42 -11.03
N CYS C 80 30.53 -1.48 -11.78
CA CYS C 80 29.85 -0.23 -12.09
C CYS C 80 28.77 -0.39 -13.16
N GLY C 81 28.74 -1.52 -13.88
CA GLY C 81 27.67 -1.73 -14.83
C GLY C 81 27.62 -0.64 -15.90
N THR C 82 26.39 -0.15 -16.15
CA THR C 82 26.16 0.91 -17.14
C THR C 82 26.40 2.30 -16.58
N GLY C 83 26.90 2.41 -15.35
CA GLY C 83 27.27 3.70 -14.80
C GLY C 83 26.17 4.48 -14.13
N LEU C 84 25.04 3.84 -13.78
CA LEU C 84 23.99 4.59 -13.10
C LEU C 84 24.47 5.20 -11.79
N MET C 85 25.28 4.45 -11.05
CA MET C 85 25.77 4.98 -9.78
C MET C 85 26.94 5.92 -10.00
N LEU C 86 27.79 5.65 -11.00
CA LEU C 86 28.85 6.59 -11.37
C LEU C 86 28.27 7.96 -11.66
N ALA C 87 27.18 8.00 -12.45
CA ALA C 87 26.60 9.28 -12.83
C ALA C 87 26.02 10.00 -11.61
N GLU C 88 25.44 9.25 -10.67
CA GLU C 88 24.87 9.88 -9.49
C GLU C 88 25.95 10.45 -8.58
N LEU C 89 27.05 9.72 -8.41
CA LEU C 89 28.16 10.25 -7.62
C LEU C 89 28.80 11.47 -8.30
N ALA C 90 28.93 11.43 -9.63
CA ALA C 90 29.45 12.58 -10.35
C ALA C 90 28.54 13.80 -10.19
N ARG C 91 27.22 13.57 -10.20
CA ARG C 91 26.28 14.67 -9.98
C ARG C 91 26.54 15.36 -8.65
N ARG C 92 26.97 14.61 -7.65
CA ARG C 92 27.23 15.11 -6.31
C ARG C 92 28.64 15.69 -6.17
N GLY C 93 29.45 15.68 -7.22
CA GLY C 93 30.74 16.32 -7.20
C GLY C 93 31.92 15.40 -6.97
N TYR C 94 31.70 14.10 -6.84
CA TYR C 94 32.80 13.17 -6.63
C TYR C 94 33.53 12.91 -7.96
N VAL C 95 34.80 12.57 -7.84
CA VAL C 95 35.64 12.23 -8.98
C VAL C 95 35.64 10.70 -9.05
N VAL C 96 34.97 10.13 -10.06
CA VAL C 96 34.62 8.72 -10.02
C VAL C 96 35.38 7.92 -11.06
N THR C 97 35.68 6.68 -10.70
CA THR C 97 36.26 5.67 -11.58
C THR C 97 35.37 4.44 -11.46
N GLY C 98 35.16 3.73 -12.58
CA GLY C 98 34.36 2.54 -12.58
C GLY C 98 35.16 1.33 -13.02
N LEU C 99 34.77 0.15 -12.51
CA LEU C 99 35.35 -1.12 -12.90
C LEU C 99 34.22 -2.12 -13.15
N ASP C 100 34.32 -2.87 -14.25
CA ASP C 100 33.35 -3.93 -14.50
C ASP C 100 33.98 -4.98 -15.39
N ARG C 101 33.52 -6.22 -15.27
CA ARG C 101 34.03 -7.26 -16.17
C ARG C 101 33.36 -7.26 -17.53
N SER C 102 32.20 -6.61 -17.67
CA SER C 102 31.38 -6.72 -18.88
C SER C 102 31.69 -5.58 -19.83
N ALA C 103 32.26 -5.90 -20.99
CA ALA C 103 32.46 -4.87 -22.00
C ALA C 103 31.13 -4.29 -22.48
N ALA C 104 30.08 -5.12 -22.54
CA ALA C 104 28.78 -4.63 -22.99
C ALA C 104 28.23 -3.59 -22.02
N MET C 105 28.31 -3.86 -20.72
CA MET C 105 27.89 -2.88 -19.73
C MET C 105 28.72 -1.62 -19.82
N LEU C 106 30.05 -1.76 -19.97
CA LEU C 106 30.92 -0.60 -20.01
C LEU C 106 30.69 0.27 -21.25
N GLU C 107 30.24 -0.33 -22.35
CA GLU C 107 29.87 0.48 -23.53
C GLU C 107 28.79 1.48 -23.15
N GLN C 108 27.80 1.05 -22.37
N GLN C 108 27.82 1.07 -22.34
CA GLN C 108 26.76 1.94 -21.89
CA GLN C 108 26.79 2.02 -21.93
C GLN C 108 27.34 2.98 -20.93
C GLN C 108 27.31 3.00 -20.89
N ALA C 109 28.20 2.56 -20.01
CA ALA C 109 28.80 3.48 -19.04
C ALA C 109 29.62 4.56 -19.74
N ARG C 110 30.31 4.19 -20.82
CA ARG C 110 31.13 5.16 -21.55
C ARG C 110 30.29 6.28 -22.13
N ALA C 111 29.14 5.93 -22.72
CA ALA C 111 28.28 6.98 -23.29
C ALA C 111 27.69 7.85 -22.18
N ARG C 112 27.36 7.24 -21.04
CA ARG C 112 26.75 7.97 -19.94
C ARG C 112 27.73 8.93 -19.31
N MET C 113 28.98 8.49 -19.14
CA MET C 113 29.96 9.26 -18.39
C MET C 113 30.83 10.16 -19.26
N GLY C 114 30.92 9.89 -20.56
CA GLY C 114 31.82 10.65 -21.41
C GLY C 114 33.21 10.05 -21.45
N GLY C 115 34.06 10.67 -22.27
CA GLY C 115 35.38 10.12 -22.52
C GLY C 115 36.39 10.34 -21.42
N LYS C 116 36.14 11.25 -20.48
CA LYS C 116 37.13 11.58 -19.47
C LYS C 116 37.10 10.64 -18.25
N THR C 117 36.01 9.91 -18.03
CA THR C 117 35.91 9.04 -16.87
C THR C 117 36.70 7.77 -17.10
N THR C 118 37.52 7.39 -16.11
CA THR C 118 38.26 6.14 -16.20
C THR C 118 37.32 4.97 -15.97
N LEU C 119 37.25 4.07 -16.95
CA LEU C 119 36.49 2.83 -16.84
C LEU C 119 37.45 1.67 -17.04
N ILE C 120 37.49 0.76 -16.07
CA ILE C 120 38.43 -0.35 -16.08
C ILE C 120 37.65 -1.62 -16.37
N ARG C 121 38.07 -2.36 -17.40
N ARG C 121 38.06 -2.36 -17.41
CA ARG C 121 37.49 -3.67 -17.67
CA ARG C 121 37.51 -3.67 -17.68
C ARG C 121 38.36 -4.71 -16.98
C ARG C 121 38.39 -4.70 -16.95
N ALA C 122 37.84 -5.29 -15.91
CA ALA C 122 38.58 -6.28 -15.13
C ALA C 122 37.56 -7.10 -14.35
N GLU C 123 37.96 -8.31 -13.98
CA GLU C 123 37.08 -9.20 -13.23
C GLU C 123 37.58 -9.29 -11.80
N LEU C 124 36.75 -8.86 -10.85
CA LEU C 124 37.11 -9.01 -9.45
C LEU C 124 37.43 -10.47 -9.16
N PRO C 125 38.41 -10.75 -8.29
CA PRO C 125 39.11 -9.82 -7.39
C PRO C 125 40.24 -8.97 -7.99
N ASP C 126 40.46 -8.99 -9.29
N ASP C 126 40.47 -9.02 -9.30
CA ASP C 126 41.50 -8.17 -9.91
CA ASP C 126 41.47 -8.15 -9.90
C ASP C 126 41.06 -6.72 -9.96
C ASP C 126 40.99 -6.71 -9.87
N ILE C 127 41.82 -5.82 -9.34
CA ILE C 127 41.57 -4.39 -9.43
C ILE C 127 42.84 -3.71 -9.91
N PRO C 128 43.06 -3.62 -11.21
CA PRO C 128 44.29 -2.98 -11.72
C PRO C 128 44.22 -1.46 -11.63
N ALA C 129 44.53 -0.95 -10.42
CA ALA C 129 44.51 0.47 -10.11
C ALA C 129 45.45 0.70 -8.94
N PRO C 130 46.04 1.89 -8.82
CA PRO C 130 47.06 2.11 -7.78
C PRO C 130 46.51 2.48 -6.43
N ALA C 131 47.26 2.11 -5.40
CA ALA C 131 46.96 2.52 -4.04
C ALA C 131 47.24 4.01 -3.88
N GLY C 132 46.65 4.61 -2.84
CA GLY C 132 46.82 6.02 -2.60
C GLY C 132 46.05 6.91 -3.55
N GLU C 133 45.05 6.39 -4.25
CA GLU C 133 44.23 7.16 -5.17
C GLU C 133 42.80 7.33 -4.72
N PHE C 134 42.15 6.28 -4.21
CA PHE C 134 40.72 6.33 -3.91
C PHE C 134 40.44 6.58 -2.44
N ASP C 135 39.57 7.55 -2.17
CA ASP C 135 39.13 7.87 -0.82
C ASP C 135 38.03 6.93 -0.34
N ALA C 136 37.29 6.33 -1.27
CA ALA C 136 36.20 5.40 -0.95
C ALA C 136 36.03 4.42 -2.09
N VAL C 137 35.55 3.22 -1.75
CA VAL C 137 35.16 2.22 -2.73
C VAL C 137 33.71 1.84 -2.47
N VAL C 138 32.93 1.70 -3.54
N VAL C 138 32.95 1.67 -3.55
CA VAL C 138 31.54 1.33 -3.43
CA VAL C 138 31.51 1.41 -3.53
C VAL C 138 31.22 0.24 -4.45
C VAL C 138 31.22 0.25 -4.48
N SER C 139 30.16 -0.51 -4.18
CA SER C 139 29.66 -1.50 -5.13
C SER C 139 28.14 -1.58 -4.98
N ALA C 140 27.41 -0.85 -5.83
CA ALA C 140 25.97 -0.71 -5.68
C ALA C 140 25.23 -1.67 -6.60
N ALA C 141 24.09 -2.15 -6.10
CA ALA C 141 23.15 -2.93 -6.91
C ALA C 141 23.65 -4.33 -7.24
N GLY C 142 24.40 -4.95 -6.33
CA GLY C 142 24.46 -6.40 -6.25
C GLY C 142 25.57 -7.10 -6.99
N GLY C 143 26.56 -6.39 -7.52
CA GLY C 143 27.64 -7.08 -8.21
C GLY C 143 28.35 -8.11 -7.34
N LEU C 144 28.49 -7.83 -6.05
CA LEU C 144 29.24 -8.76 -5.20
C LEU C 144 28.49 -10.07 -4.95
N ASN C 145 27.19 -10.14 -5.25
CA ASN C 145 26.47 -11.40 -5.13
C ASN C 145 27.02 -12.46 -6.08
N TYR C 146 27.75 -12.06 -7.12
CA TYR C 146 28.30 -12.99 -8.10
C TYR C 146 29.61 -13.63 -7.67
N LEU C 147 30.15 -13.24 -6.53
N LEU C 147 30.15 -13.24 -6.53
CA LEU C 147 31.48 -13.69 -6.11
CA LEU C 147 31.46 -13.70 -6.09
C LEU C 147 31.36 -14.79 -5.05
C LEU C 147 31.32 -14.82 -5.06
N SER C 148 32.12 -15.86 -5.22
CA SER C 148 32.21 -16.89 -4.20
C SER C 148 32.90 -16.32 -2.96
N GLU C 149 32.86 -17.07 -1.85
CA GLU C 149 33.47 -16.56 -0.62
C GLU C 149 34.96 -16.29 -0.82
N SER C 150 35.66 -17.18 -1.51
N SER C 150 35.66 -17.19 -1.52
CA SER C 150 37.09 -16.97 -1.74
CA SER C 150 37.08 -16.99 -1.76
C SER C 150 37.32 -15.77 -2.65
C SER C 150 37.31 -15.77 -2.64
N GLN C 151 36.43 -15.54 -3.63
CA GLN C 151 36.58 -14.38 -4.50
C GLN C 151 36.25 -13.09 -3.76
N ILE C 152 35.26 -13.12 -2.88
CA ILE C 152 34.94 -11.89 -2.17
C ILE C 152 35.99 -11.60 -1.09
N SER C 153 36.56 -12.65 -0.48
CA SER C 153 37.67 -12.45 0.45
C SER C 153 38.85 -11.78 -0.25
N ALA C 154 39.22 -12.27 -1.45
CA ALA C 154 40.30 -11.64 -2.20
C ALA C 154 39.95 -10.22 -2.61
N THR C 155 38.65 -9.96 -2.89
CA THR C 155 38.22 -8.60 -3.23
C THR C 155 38.35 -7.67 -2.04
N PHE C 156 37.97 -8.14 -0.84
CA PHE C 156 38.17 -7.35 0.36
C PHE C 156 39.64 -6.96 0.50
N GLY C 157 40.55 -7.90 0.23
CA GLY C 157 41.96 -7.59 0.32
C GLY C 157 42.42 -6.57 -0.72
N ALA C 158 41.93 -6.72 -1.95
CA ALA C 158 42.29 -5.76 -3.00
C ALA C 158 41.76 -4.36 -2.66
N VAL C 159 40.52 -4.29 -2.17
CA VAL C 159 39.94 -3.00 -1.77
C VAL C 159 40.74 -2.38 -0.63
N ALA C 160 41.08 -3.18 0.39
CA ALA C 160 41.86 -2.67 1.51
C ALA C 160 43.19 -2.08 1.05
N ARG C 161 43.83 -2.71 0.07
CA ARG C 161 45.10 -2.19 -0.41
C ARG C 161 44.96 -0.86 -1.13
N LEU C 162 43.76 -0.54 -1.63
CA LEU C 162 43.51 0.71 -2.33
C LEU C 162 43.08 1.84 -1.40
N LEU C 163 42.71 1.53 -0.16
CA LEU C 163 42.14 2.56 0.70
C LEU C 163 43.15 3.03 1.73
N PRO C 164 43.21 4.33 1.98
CA PRO C 164 43.98 4.83 3.12
C PRO C 164 43.26 4.52 4.42
N ALA C 165 44.01 4.59 5.52
CA ALA C 165 43.38 4.48 6.82
C ALA C 165 42.30 5.55 6.95
N GLY C 166 41.10 5.15 7.38
CA GLY C 166 39.99 6.06 7.48
C GLY C 166 39.14 6.15 6.23
N GLY C 167 39.58 5.58 5.10
CA GLY C 167 38.71 5.38 3.96
C GLY C 167 37.68 4.30 4.25
N THR C 168 36.72 4.16 3.34
CA THR C 168 35.58 3.26 3.59
C THR C 168 35.25 2.42 2.37
N PHE C 169 34.55 1.32 2.63
CA PHE C 169 34.04 0.38 1.63
C PHE C 169 32.56 0.17 1.92
N THR C 170 31.72 0.35 0.88
CA THR C 170 30.27 0.20 1.01
C THR C 170 29.77 -0.66 -0.15
N PHE C 171 28.91 -1.63 0.16
CA PHE C 171 28.35 -2.48 -0.88
C PHE C 171 27.01 -3.04 -0.41
N ASP C 172 26.27 -3.61 -1.35
CA ASP C 172 25.08 -4.36 -0.97
C ASP C 172 25.13 -5.77 -1.53
N VAL C 173 24.50 -6.69 -0.79
CA VAL C 173 24.27 -8.06 -1.22
C VAL C 173 22.85 -8.43 -0.84
N PHE C 174 22.38 -9.54 -1.38
CA PHE C 174 21.02 -9.98 -1.07
C PHE C 174 20.86 -10.25 0.41
N GLY C 175 19.74 -9.79 0.96
CA GLY C 175 19.38 -10.02 2.35
C GLY C 175 18.45 -11.22 2.52
N GLN C 176 18.10 -11.48 3.79
CA GLN C 176 17.28 -12.63 4.13
C GLN C 176 15.93 -12.60 3.42
N GLY C 177 15.35 -11.39 3.30
CA GLY C 177 14.06 -11.29 2.64
C GLY C 177 14.12 -11.63 1.18
N PHE C 178 15.27 -11.44 0.52
N PHE C 178 15.26 -11.39 0.52
CA PHE C 178 15.41 -11.79 -0.87
CA PHE C 178 15.43 -11.80 -0.86
C PHE C 178 15.34 -13.30 -1.06
C PHE C 178 15.27 -13.31 -1.00
N TYR C 179 16.08 -14.06 -0.24
CA TYR C 179 16.02 -15.51 -0.34
C TYR C 179 14.63 -16.04 0.04
N ALA C 180 14.01 -15.45 1.06
CA ALA C 180 12.66 -15.87 1.45
C ALA C 180 11.64 -15.60 0.33
N LYS C 181 11.79 -14.48 -0.38
CA LYS C 181 10.77 -14.10 -1.35
C LYS C 181 10.93 -14.83 -2.69
N PHE C 182 12.16 -15.08 -3.12
CA PHE C 182 12.41 -15.57 -4.46
C PHE C 182 12.86 -17.02 -4.52
N PHE C 183 13.31 -17.61 -3.41
CA PHE C 183 13.92 -18.92 -3.43
C PHE C 183 13.14 -19.91 -2.56
N ASP C 184 12.61 -20.95 -3.20
CA ASP C 184 11.92 -22.03 -2.52
C ASP C 184 12.86 -23.22 -2.50
N PRO C 185 13.26 -23.73 -1.33
CA PRO C 185 14.20 -24.86 -1.31
C PRO C 185 13.62 -26.16 -1.85
N SER C 186 12.30 -26.26 -2.00
CA SER C 186 11.67 -27.52 -2.36
C SER C 186 11.24 -27.59 -3.81
N ALA C 187 11.35 -26.50 -4.56
CA ALA C 187 11.01 -26.48 -5.98
C ALA C 187 11.51 -25.18 -6.60
N PRO C 188 11.89 -25.18 -7.88
CA PRO C 188 12.22 -23.92 -8.55
C PRO C 188 11.01 -23.00 -8.56
N ARG C 189 11.26 -21.71 -8.40
N ARG C 189 11.25 -21.71 -8.37
CA ARG C 189 10.25 -20.68 -8.51
CA ARG C 189 10.22 -20.70 -8.52
C ARG C 189 10.47 -19.93 -9.82
C ARG C 189 10.46 -19.94 -9.80
N VAL C 190 9.38 -19.64 -10.52
CA VAL C 190 9.44 -19.01 -11.83
C VAL C 190 8.68 -17.70 -11.77
N MET C 191 9.34 -16.62 -12.22
CA MET C 191 8.70 -15.32 -12.32
C MET C 191 8.92 -14.79 -13.73
N ALA C 192 8.16 -13.76 -14.09
CA ALA C 192 8.28 -13.25 -15.44
C ALA C 192 7.85 -11.79 -15.50
N LEU C 193 8.20 -11.16 -16.62
CA LEU C 193 7.91 -9.75 -16.84
C LEU C 193 7.84 -9.53 -18.34
N GLU C 194 6.82 -8.79 -18.79
CA GLU C 194 6.73 -8.30 -20.15
C GLU C 194 6.85 -6.78 -20.08
N LEU C 195 7.89 -6.23 -20.72
CA LEU C 195 8.24 -4.82 -20.58
C LEU C 195 8.78 -4.30 -21.90
N ASP C 196 8.06 -3.38 -22.53
CA ASP C 196 8.51 -2.74 -23.77
C ASP C 196 8.83 -3.78 -24.86
N ASP C 197 7.95 -4.78 -24.97
CA ASP C 197 8.04 -5.89 -25.92
C ASP C 197 9.21 -6.85 -25.68
N ILE C 198 9.95 -6.69 -24.59
N ILE C 198 9.95 -6.65 -24.61
CA ILE C 198 10.92 -7.68 -24.14
CA ILE C 198 10.89 -7.67 -24.13
C ILE C 198 10.26 -8.51 -23.05
C ILE C 198 10.15 -8.53 -23.12
N SER C 199 10.50 -9.81 -23.08
CA SER C 199 9.90 -10.72 -22.12
C SER C 199 11.02 -11.43 -21.38
N TYR C 200 10.92 -11.47 -20.06
CA TYR C 200 11.88 -12.15 -19.22
C TYR C 200 11.18 -13.25 -18.47
N ILE C 201 11.82 -14.42 -18.41
CA ILE C 201 11.36 -15.50 -17.54
C ILE C 201 12.54 -15.87 -16.63
N TRP C 202 12.33 -15.72 -15.33
CA TRP C 202 13.36 -15.93 -14.33
C TRP C 202 13.05 -17.19 -13.55
N THR C 203 14.01 -18.11 -13.48
CA THR C 203 13.85 -19.35 -12.73
C THR C 203 14.87 -19.38 -11.61
N PHE C 204 14.38 -19.53 -10.38
CA PHE C 204 15.22 -19.51 -9.18
C PHE C 204 15.34 -20.94 -8.69
N THR C 205 16.58 -21.41 -8.54
N THR C 205 16.56 -21.44 -8.60
CA THR C 205 16.87 -22.78 -8.16
CA THR C 205 16.81 -22.79 -8.12
C THR C 205 17.88 -22.78 -7.02
C THR C 205 17.85 -22.77 -7.01
N LYS C 206 17.65 -23.65 -6.03
CA LYS C 206 18.58 -23.87 -4.93
C LYS C 206 19.11 -25.29 -5.08
N PRO C 207 20.24 -25.49 -5.75
CA PRO C 207 20.78 -26.85 -5.88
C PRO C 207 21.09 -27.44 -4.51
N ALA C 208 20.88 -28.75 -4.40
CA ALA C 208 21.06 -29.44 -3.11
C ALA C 208 22.51 -29.35 -2.67
N GLU C 209 22.71 -28.88 -1.43
CA GLU C 209 24.02 -28.79 -0.79
C GLU C 209 25.00 -27.86 -1.52
N ALA C 210 24.51 -26.97 -2.34
CA ALA C 210 25.43 -26.09 -3.05
C ALA C 210 25.67 -24.80 -2.26
N PRO C 211 26.85 -24.18 -2.44
CA PRO C 211 27.09 -22.88 -1.82
C PRO C 211 26.54 -21.71 -2.62
N PHE C 212 25.84 -22.00 -3.71
CA PHE C 212 25.29 -20.98 -4.58
C PHE C 212 23.80 -21.24 -4.79
N VAL C 213 23.13 -20.22 -5.29
CA VAL C 213 21.78 -20.35 -5.85
C VAL C 213 21.82 -19.81 -7.26
N ASP C 214 20.93 -20.31 -8.10
CA ASP C 214 20.93 -19.96 -9.52
C ASP C 214 19.68 -19.17 -9.88
N MET C 215 19.86 -18.13 -10.68
CA MET C 215 18.75 -17.37 -11.25
C MET C 215 18.99 -17.33 -12.74
N SER C 216 18.19 -18.09 -13.50
N SER C 216 18.21 -18.10 -13.50
N SER C 216 18.21 -18.11 -13.49
CA SER C 216 18.32 -18.12 -14.95
CA SER C 216 18.35 -18.11 -14.95
CA SER C 216 18.31 -18.10 -14.94
C SER C 216 17.47 -17.02 -15.56
C SER C 216 17.47 -17.04 -15.57
C SER C 216 17.50 -16.94 -15.50
N TYR C 217 18.05 -16.30 -16.52
CA TYR C 217 17.34 -15.25 -17.26
C TYR C 217 17.10 -15.81 -18.66
N THR C 218 15.85 -16.14 -18.97
CA THR C 218 15.45 -16.33 -20.36
C THR C 218 14.87 -15.01 -20.83
N GLN C 219 15.34 -14.51 -21.95
N GLN C 219 15.31 -14.54 -21.99
CA GLN C 219 14.89 -13.24 -22.48
CA GLN C 219 14.94 -13.22 -22.50
C GLN C 219 14.46 -13.44 -23.92
C GLN C 219 14.52 -13.34 -23.96
N PHE C 220 13.30 -12.89 -24.28
CA PHE C 220 12.80 -12.89 -25.64
C PHE C 220 12.74 -11.44 -26.12
N SER C 221 13.43 -11.14 -27.21
CA SER C 221 13.51 -9.77 -27.73
C SER C 221 13.16 -9.79 -29.21
N PRO C 222 12.43 -8.79 -29.71
CA PRO C 222 12.16 -8.76 -31.16
C PRO C 222 13.45 -8.50 -31.91
N ALA C 223 13.63 -9.21 -33.03
CA ALA C 223 14.77 -8.93 -33.90
C ALA C 223 14.58 -7.62 -34.66
N SER C 224 13.35 -7.35 -35.06
CA SER C 224 13.02 -6.12 -35.76
C SER C 224 11.79 -5.52 -35.11
N ARG C 225 10.62 -5.72 -35.71
N ARG C 225 10.62 -5.73 -35.70
CA ARG C 225 9.36 -5.24 -35.16
CA ARG C 225 9.36 -5.23 -35.16
C ARG C 225 8.70 -6.36 -34.36
C ARG C 225 8.66 -6.35 -34.40
N ALA C 226 7.98 -5.98 -33.31
CA ALA C 226 7.31 -6.95 -32.43
C ALA C 226 5.97 -7.31 -33.05
N VAL C 227 6.02 -8.25 -33.99
CA VAL C 227 4.83 -8.71 -34.72
C VAL C 227 4.53 -10.13 -34.25
N ASP C 228 3.27 -10.39 -33.91
CA ASP C 228 2.86 -11.71 -33.47
C ASP C 228 2.64 -12.63 -34.66
N GLY C 229 2.87 -13.93 -34.44
CA GLY C 229 2.57 -14.93 -35.43
C GLY C 229 3.61 -15.15 -36.51
N GLU C 230 4.77 -14.51 -36.41
CA GLU C 230 5.85 -14.62 -37.37
C GLU C 230 7.13 -14.99 -36.63
N PRO C 231 8.13 -15.55 -37.32
CA PRO C 231 9.41 -15.83 -36.65
C PRO C 231 10.16 -14.53 -36.43
N ALA C 232 9.95 -13.93 -35.26
CA ALA C 232 10.30 -12.54 -35.06
C ALA C 232 11.07 -12.27 -33.77
N PHE C 233 11.22 -13.25 -32.89
CA PHE C 233 11.80 -13.03 -31.58
C PHE C 233 13.05 -13.88 -31.39
N ILE C 234 14.00 -13.30 -30.67
CA ILE C 234 15.29 -13.92 -30.34
C ILE C 234 15.20 -14.36 -28.89
N ARG C 235 15.55 -15.61 -28.61
CA ARG C 235 15.67 -16.07 -27.24
C ARG C 235 17.14 -16.10 -26.84
N THR C 236 17.43 -15.59 -25.64
CA THR C 236 18.73 -15.80 -25.03
C THR C 236 18.51 -16.38 -23.64
N ARG C 237 19.52 -17.11 -23.15
CA ARG C 237 19.44 -17.73 -21.85
C ARG C 237 20.78 -17.53 -21.15
N ASP C 238 20.75 -16.92 -19.96
CA ASP C 238 21.96 -16.60 -19.23
C ASP C 238 21.81 -16.92 -17.76
N LEU C 239 22.79 -17.62 -17.20
CA LEU C 239 22.77 -18.01 -15.79
C LEU C 239 23.42 -16.92 -14.94
N HIS C 240 22.68 -16.45 -13.94
CA HIS C 240 23.21 -15.57 -12.91
C HIS C 240 23.37 -16.41 -11.65
N ARG C 241 24.61 -16.75 -11.31
CA ARG C 241 24.91 -17.62 -10.19
C ARG C 241 25.31 -16.76 -9.00
N TYR C 242 24.57 -16.90 -7.90
CA TYR C 242 24.72 -16.06 -6.73
C TYR C 242 25.23 -16.87 -5.55
N TYR C 243 26.05 -16.23 -4.72
CA TYR C 243 26.60 -16.88 -3.53
C TYR C 243 26.08 -16.18 -2.28
N PRO C 244 25.15 -16.76 -1.55
CA PRO C 244 24.69 -16.12 -0.31
C PRO C 244 25.87 -15.82 0.60
N LEU C 245 25.83 -14.64 1.22
CA LEU C 245 26.93 -14.10 2.03
C LEU C 245 26.43 -13.87 3.45
N PRO C 246 26.59 -14.83 4.35
CA PRO C 246 26.11 -14.64 5.72
C PRO C 246 26.77 -13.44 6.39
N HIS C 247 26.02 -12.83 7.32
CA HIS C 247 26.58 -11.72 8.09
C HIS C 247 27.86 -12.12 8.80
N ALA C 248 27.92 -13.33 9.36
CA ALA C 248 29.13 -13.72 10.08
C ALA C 248 30.32 -13.75 9.16
N THR C 249 30.11 -14.11 7.89
CA THR C 249 31.20 -14.10 6.92
C THR C 249 31.67 -12.69 6.64
N VAL C 250 30.73 -11.75 6.43
CA VAL C 250 31.12 -10.36 6.20
C VAL C 250 31.97 -9.85 7.37
N LEU C 251 31.51 -10.09 8.60
CA LEU C 251 32.25 -9.57 9.74
C LEU C 251 33.63 -10.18 9.86
N ARG C 252 33.74 -11.49 9.59
N ARG C 252 33.74 -11.49 9.57
CA ARG C 252 35.05 -12.13 9.64
CA ARG C 252 35.06 -12.13 9.65
C ARG C 252 35.98 -11.58 8.56
C ARG C 252 35.99 -11.63 8.55
N LEU C 253 35.46 -11.46 7.33
CA LEU C 253 36.30 -10.97 6.24
C LEU C 253 36.72 -9.52 6.47
N ALA C 254 35.82 -8.72 7.04
CA ALA C 254 36.19 -7.35 7.38
C ALA C 254 37.36 -7.34 8.35
N ALA C 255 37.27 -8.14 9.42
CA ALA C 255 38.35 -8.19 10.40
C ALA C 255 39.65 -8.71 9.78
N GLU C 256 39.57 -9.73 8.94
N GLU C 256 39.57 -9.75 8.96
CA GLU C 256 40.75 -10.35 8.36
CA GLU C 256 40.77 -10.32 8.37
C GLU C 256 41.46 -9.45 7.35
C GLU C 256 41.50 -9.32 7.48
N HIS C 257 40.76 -8.46 6.79
CA HIS C 257 41.31 -7.65 5.71
C HIS C 257 41.48 -6.18 6.08
N GLY C 258 41.56 -5.85 7.36
CA GLY C 258 41.93 -4.50 7.74
C GLY C 258 40.79 -3.51 7.79
N PHE C 259 39.57 -3.98 8.06
CA PHE C 259 38.42 -3.12 8.22
C PHE C 259 37.88 -3.23 9.64
N THR C 260 37.10 -2.24 10.03
CA THR C 260 36.49 -2.18 11.35
C THR C 260 35.16 -1.45 11.22
N ASP C 261 34.38 -1.47 12.31
CA ASP C 261 33.11 -0.76 12.39
C ASP C 261 32.15 -1.16 11.26
N ALA C 262 32.05 -2.46 11.02
CA ALA C 262 31.14 -2.94 9.98
C ALA C 262 29.69 -2.83 10.44
N ARG C 263 28.85 -2.21 9.62
CA ARG C 263 27.46 -1.99 9.96
C ARG C 263 26.59 -2.38 8.77
N ALA C 264 25.41 -2.90 9.09
CA ALA C 264 24.43 -3.29 8.08
C ALA C 264 23.18 -2.44 8.20
N HIS C 265 22.64 -2.02 7.06
CA HIS C 265 21.38 -1.30 6.99
C HIS C 265 20.52 -1.90 5.88
N ASP C 266 19.23 -1.59 5.93
CA ASP C 266 18.31 -2.09 4.90
C ASP C 266 18.34 -1.15 3.69
N ASN C 267 18.95 -1.61 2.60
CA ASN C 267 18.81 -1.02 1.27
C ASN C 267 19.00 0.50 1.25
N TYR C 268 20.14 0.94 1.79
CA TYR C 268 20.57 2.34 1.73
C TYR C 268 19.62 3.28 2.46
N SER C 269 18.87 2.77 3.42
CA SER C 269 18.01 3.58 4.29
C SER C 269 18.55 3.53 5.71
N SER C 270 17.89 4.25 6.61
CA SER C 270 18.24 4.20 8.02
C SER C 270 17.62 3.00 8.74
N ASP C 271 16.77 2.23 8.06
CA ASP C 271 16.18 1.06 8.69
C ASP C 271 17.24 -0.01 8.94
N PRO C 272 17.10 -0.78 10.01
CA PRO C 272 18.07 -1.85 10.29
C PRO C 272 17.89 -3.01 9.32
N SER C 273 18.99 -3.73 9.14
CA SER C 273 18.91 -5.01 8.45
C SER C 273 18.00 -5.95 9.25
N GLY C 274 17.16 -6.70 8.56
CA GLY C 274 16.24 -7.58 9.25
C GLY C 274 15.78 -8.73 8.39
N PRO C 275 14.83 -9.51 8.91
CA PRO C 275 14.40 -10.71 8.20
C PRO C 275 13.71 -10.43 6.88
N HIS C 276 13.19 -9.21 6.67
CA HIS C 276 12.48 -8.88 5.46
C HIS C 276 13.33 -8.14 4.44
N THR C 277 14.59 -7.85 4.78
CA THR C 277 15.42 -7.00 3.94
C THR C 277 15.75 -7.71 2.64
N LEU C 278 15.50 -7.02 1.52
CA LEU C 278 15.87 -7.57 0.22
C LEU C 278 17.35 -7.35 -0.08
N TYR C 279 17.89 -6.17 0.26
CA TYR C 279 19.27 -5.80 -0.04
C TYR C 279 19.91 -5.27 1.25
N ASP C 280 20.89 -6.01 1.77
CA ASP C 280 21.64 -5.57 2.94
C ASP C 280 22.76 -4.64 2.46
N THR C 281 22.81 -3.43 3.04
CA THR C 281 23.88 -2.48 2.75
C THR C 281 24.92 -2.57 3.86
N TRP C 282 26.15 -2.90 3.49
CA TRP C 282 27.26 -2.99 4.43
C TRP C 282 28.17 -1.77 4.26
N THR C 283 28.56 -1.17 5.38
CA THR C 283 29.60 -0.16 5.39
C THR C 283 30.70 -0.61 6.34
N MET C 284 31.93 -0.22 6.07
CA MET C 284 33.05 -0.52 6.98
C MET C 284 34.17 0.46 6.71
N VAL C 285 35.08 0.56 7.68
CA VAL C 285 36.10 1.59 7.71
C VAL C 285 37.47 0.94 7.72
N ARG C 286 38.37 1.44 6.87
CA ARG C 286 39.72 0.89 6.78
C ARG C 286 40.54 1.30 8.00
N THR C 287 41.21 0.32 8.61
CA THR C 287 42.07 0.58 9.78
C THR C 287 43.45 1.04 9.32
N GLY C 288 44.37 1.17 10.27
CA GLY C 288 45.75 1.50 9.99
C GLY C 288 46.65 0.31 9.72
N SER C 289 46.10 -0.89 9.57
CA SER C 289 46.92 -2.07 9.33
C SER C 289 47.49 -2.05 7.92
N LEU C 290 48.61 -2.75 7.75
CA LEU C 290 49.21 -2.97 6.43
C LEU C 290 48.62 -4.25 5.85
N GLU C 291 48.00 -4.14 4.68
CA GLU C 291 47.40 -5.32 4.04
C GLU C 291 48.12 -5.69 2.75
CO NCO D . -25.82 -27.45 35.68
N1 NCO D . -24.61 -25.89 35.87
N2 NCO D . -27.00 -29.01 35.44
N3 NCO D . -24.61 -28.55 36.79
N5 NCO D . -27.03 -26.34 34.54
C1 PGE E . -17.76 -9.76 26.45
O1 PGE E . -16.92 -9.63 25.29
C2 PGE E . -19.17 -9.37 26.15
O2 PGE E . -19.97 -9.48 27.33
C3 PGE E . -21.01 -8.52 27.36
C1 PGE F . -32.39 -18.39 -2.48
O1 PGE F . -31.89 -18.70 -1.20
C2 PGE F . -33.87 -18.57 -2.59
O2 PGE F . -34.19 -19.93 -2.33
C3 PGE F . -35.59 -20.15 -2.21
C4 PGE F . -35.83 -21.48 -1.57
O4 PGE F . -39.49 -23.12 0.05
C6 PGE F . -38.16 -23.51 -0.24
C5 PGE F . -37.17 -22.46 0.12
O3 PGE F . -37.10 -21.47 -0.91
C1 PGE G . -27.70 -40.85 12.38
O1 PGE G . -27.82 -42.22 12.71
C2 PGE G . -26.70 -40.61 11.30
O2 PGE G . -25.42 -41.05 11.72
C1 GOL H . -12.11 -12.54 20.53
O1 GOL H . -11.91 -12.79 21.92
C2 GOL H . -11.48 -13.62 19.68
O2 GOL H . -10.09 -13.72 19.97
C3 GOL H . -12.15 -14.97 19.82
O3 GOL H . -11.58 -15.94 18.94
C1 GOL I . -20.12 -17.04 8.68
O1 GOL I . -20.10 -15.66 9.09
C2 GOL I . -20.35 -17.17 7.20
O2 GOL I . -19.11 -17.31 6.52
C3 GOL I . -21.31 -18.30 6.86
O3 GOL I . -21.85 -18.14 5.55
C1 GOL J . -43.46 -26.91 10.27
O1 GOL J . -43.02 -28.07 9.56
C2 GOL J . -42.36 -26.38 11.16
O2 GOL J . -41.95 -27.38 12.09
C3 GOL J . -41.16 -25.85 10.41
O3 GOL J . -41.47 -24.68 9.66
C1 GOL K . -6.86 -21.92 9.16
O1 GOL K . -7.26 -23.22 9.57
C2 GOL K . -6.32 -21.11 10.33
O2 GOL K . -5.29 -21.84 10.98
C3 GOL K . -5.81 -19.74 9.92
O3 GOL K . -5.21 -19.07 11.02
C1 GOL L . -38.02 -24.91 25.96
O1 GOL L . -38.92 -25.43 26.94
C2 GOL L . -37.72 -23.44 26.23
O2 GOL L . -37.20 -23.27 27.54
C3 GOL L . -36.79 -22.82 25.21
O3 GOL L . -36.74 -21.41 25.36
C1 GOL M . -42.46 -11.32 11.21
O1 GOL M . -43.23 -12.23 11.99
C2 GOL M . -43.26 -10.77 10.05
O2 GOL M . -42.46 -9.89 9.27
C3 GOL M . -43.87 -11.85 9.17
O3 GOL M . -42.88 -12.75 8.69
C1 GOL N . -15.21 -13.69 -7.78
O1 GOL N . -16.45 -13.80 -7.08
C2 GOL N . -14.05 -13.54 -6.82
O2 GOL N . -14.10 -14.55 -5.82
C3 GOL N . -12.69 -13.57 -7.51
O3 GOL N . -12.59 -12.54 -8.49
C1 GOL O . -10.56 -25.00 19.65
O1 GOL O . -10.44 -24.09 20.74
C2 GOL O . -11.54 -26.11 19.97
O2 GOL O . -11.59 -27.06 18.90
C3 GOL O . -11.23 -26.81 21.28
O3 GOL O . -12.14 -27.87 21.52
C1 GOL P . -38.95 -36.18 17.04
O1 GOL P . -38.72 -34.82 16.67
C2 GOL P . -38.85 -36.38 18.54
O2 GOL P . -37.56 -35.95 18.99
C3 GOL P . -39.94 -35.67 19.31
O3 GOL P . -39.70 -35.73 20.72
C1 IPA Q . -11.71 -7.17 20.42
C2 IPA Q . -10.84 -8.37 20.57
C3 IPA Q . -11.05 -9.08 21.86
O2 IPA Q . -9.47 -7.99 20.46
C1 IPA R . -39.88 -26.61 4.37
C2 IPA R . -39.43 -26.80 5.78
C3 IPA R . -39.79 -25.64 6.67
O2 IPA R . -38.02 -27.00 5.80
C1 IPA S . -16.67 -6.40 7.46
C2 IPA S . -16.77 -5.91 6.05
C3 IPA S . -18.12 -5.34 5.72
O2 IPA S . -16.47 -6.97 5.16
N SAH T . -28.55 -16.50 9.38
CA SAH T . -28.84 -15.57 8.25
CB SAH T . -28.81 -14.09 8.64
CG SAH T . -27.67 -13.64 9.55
SD SAH T . -27.69 -11.82 9.81
C SAH T . -27.90 -15.86 7.06
O SAH T . -27.34 -16.97 7.03
OXT SAH T . -27.79 -14.96 6.20
C5' SAH T . -27.82 -11.69 11.60
C4' SAH T . -29.24 -11.72 12.12
O4' SAH T . -29.20 -11.78 13.57
C3' SAH T . -30.12 -10.51 11.78
O3' SAH T . -31.27 -10.90 11.05
C2' SAH T . -30.50 -9.95 13.16
O2' SAH T . -31.78 -9.35 13.22
C1' SAH T . -30.39 -11.19 14.02
N9 SAH T . -30.24 -10.93 15.45
C8 SAH T . -29.22 -10.24 16.07
N7 SAH T . -29.34 -10.21 17.37
C5 SAH T . -30.50 -10.94 17.64
C6 SAH T . -31.16 -11.26 18.83
N6 SAH T . -30.74 -10.89 20.04
N1 SAH T . -32.28 -12.03 18.72
C2 SAH T . -32.70 -12.39 17.51
N3 SAH T . -32.17 -12.13 16.32
C4 SAH T . -31.04 -11.40 16.46
CL CL U . 3.77 15.29 9.25
C1 GOL V . 7.04 7.27 -7.87
O1 GOL V . 7.78 6.31 -8.62
C2 GOL V . 7.61 7.46 -6.48
O2 GOL V . 7.48 6.26 -5.72
C3 GOL V . 9.05 7.92 -6.49
O3 GOL V . 9.55 8.11 -5.16
C1 GOL W . 2.37 19.47 1.31
O1 GOL W . 1.31 20.04 2.09
C2 GOL W . 2.48 17.97 1.49
O2 GOL W . 2.65 17.64 2.86
C3 GOL W . 1.31 17.19 0.91
O3 GOL W . 1.31 17.23 -0.50
C1 GOL X . 0.40 42.30 -7.11
O1 GOL X . 0.43 43.53 -7.84
C2 GOL X . 1.23 41.24 -7.80
O2 GOL X . 2.58 41.68 -7.96
C3 GOL X . 1.21 39.91 -7.08
O3 GOL X . -0.11 39.37 -6.99
C1 GOL Y . 12.63 9.50 7.00
O1 GOL Y . 13.75 10.01 6.28
C2 GOL Y . 11.80 8.56 6.17
O2 GOL Y . 10.87 7.86 7.01
C3 GOL Y . 12.61 7.57 5.36
O3 GOL Y . 11.82 6.52 4.82
C1 GOL Z . 8.19 33.00 -19.85
O1 GOL Z . 8.83 33.74 -20.90
C2 GOL Z . 7.24 31.96 -20.42
O2 GOL Z . 7.95 31.06 -21.28
C3 GOL Z . 6.48 31.18 -19.36
O3 GOL Z . 5.58 30.25 -19.93
C1 GOL AA . -9.22 34.01 -10.72
O1 GOL AA . -9.46 34.07 -12.12
C2 GOL AA . -9.75 35.24 -10.00
O2 GOL AA . -9.18 36.43 -10.56
C3 GOL AA . -11.27 35.33 -10.00
O3 GOL AA . -11.85 34.23 -9.32
C1 GOL BA . 11.85 37.82 3.34
O1 GOL BA . 11.72 36.84 4.37
C2 GOL BA . 10.50 38.32 2.87
O2 GOL BA . 9.75 38.80 3.99
C3 GOL BA . 10.59 39.40 1.81
O3 GOL BA . 11.32 38.95 0.68
C1 IPA CA . -0.71 39.29 -1.47
C2 IPA CA . 0.50 39.96 -2.06
C3 IPA CA . 0.32 40.29 -3.51
O2 IPA CA . 1.65 39.14 -1.89
N SAH DA . -1.25 24.50 -3.51
CA SAH DA . -2.59 24.45 -2.86
CB SAH DA . -3.60 23.56 -3.59
CG SAH DA . -3.17 22.12 -3.88
SD SAH DA . -4.50 21.15 -4.65
C SAH DA . -2.46 24.09 -1.38
O SAH DA . -1.32 24.21 -0.88
OXT SAH DA . -3.49 23.73 -0.78
C5' SAH DA . -3.89 20.82 -6.32
C4' SAH DA . -4.27 21.88 -7.33
O4' SAH DA . -3.61 21.57 -8.57
C3' SAH DA . -5.77 21.97 -7.66
O3' SAH DA . -6.26 23.28 -7.39
C2' SAH DA . -5.82 21.70 -9.17
O2' SAH DA . -6.83 22.42 -9.85
C1' SAH DA . -4.42 22.11 -9.60
N9 SAH DA . -3.96 21.53 -10.85
C8 SAH DA . -3.81 20.20 -11.15
N7 SAH DA . -3.34 19.99 -12.35
C5 SAH DA . -3.16 21.26 -12.88
C6 SAH DA . -2.67 21.72 -14.12
N6 SAH DA . -2.27 20.92 -15.11
N1 SAH DA . -2.60 23.06 -14.31
C2 SAH DA . -3.01 23.86 -13.32
N3 SAH DA . -3.48 23.56 -12.12
C4 SAH DA . -3.53 22.22 -11.96
C1 GOL EA . 23.60 16.24 -3.22
O1 GOL EA . 22.19 16.31 -3.04
C2 GOL EA . 24.11 17.39 -4.07
O2 GOL EA . 25.52 17.27 -4.26
C3 GOL EA . 23.40 17.51 -5.40
O3 GOL EA . 23.94 18.56 -6.19
C1 IPA FA . 2.64 2.61 -8.03
C2 IPA FA . 3.81 3.23 -8.72
C3 IPA FA . 3.79 3.03 -10.20
O2 IPA FA . 5.02 2.71 -8.18
C1 PGE GA . 28.79 -19.16 -0.77
O1 PGE GA . 27.67 -19.52 0.03
C2 PGE GA . 30.07 -19.68 -0.23
O2 PGE GA . 31.15 -19.18 -1.00
C3 PGE GA . 31.37 -19.90 -2.21
C4 PGE GA . 31.88 -21.27 -1.91
C6 PGE GA . 32.76 -22.30 -5.34
C5 PGE GA . 31.89 -21.82 -4.22
O3 PGE GA . 32.63 -21.77 -3.01
C1 PGE HA . 15.11 -25.82 -6.81
O1 PGE HA . 15.19 -24.90 -5.74
C2 PGE HA . 15.96 -27.04 -6.61
O2 PGE HA . 15.41 -27.87 -5.60
C3 PGE HA . 16.23 -29.01 -5.33
C4 PGE HA . 15.58 -29.84 -4.26
C5 PGE HA . 13.63 -31.08 -3.75
O3 PGE HA . 14.41 -30.47 -4.76
C1 GOL IA . 22.86 -15.11 3.18
O1 GOL IA . 22.79 -16.17 4.14
C2 GOL IA . 22.02 -13.92 3.59
O2 GOL IA . 20.66 -14.32 3.80
C3 GOL IA . 22.52 -13.18 4.80
O3 GOL IA . 21.66 -12.10 5.14
C1 GOL JA . 20.72 -2.58 -4.30
O1 GOL JA . 20.52 -3.79 -4.99
C2 GOL JA . 19.89 -1.45 -4.91
O2 GOL JA . 18.67 -1.32 -4.19
C3 GOL JA . 20.64 -0.15 -5.01
O3 GOL JA . 20.01 0.77 -5.88
C1 GOL KA . 39.73 11.07 -14.45
O1 GOL KA . 39.23 12.25 -13.83
C2 GOL KA . 39.92 9.96 -13.44
O2 GOL KA . 40.81 10.38 -12.41
C3 GOL KA . 38.63 9.46 -12.84
O3 GOL KA . 37.77 8.91 -13.83
C1 GOL LA . 13.19 -2.97 7.84
O1 GOL LA . 14.11 -2.67 8.87
C2 GOL LA . 12.63 -4.38 7.98
O2 GOL LA . 11.73 -4.67 6.92
C3 GOL LA . 13.72 -5.44 8.05
O3 GOL LA . 13.16 -6.74 8.21
C1 GOL MA . 46.50 -3.62 -5.54
O1 GOL MA . 47.43 -3.51 -4.47
C2 GOL MA . 45.13 -4.02 -5.06
O2 GOL MA . 44.60 -3.01 -4.20
C3 GOL MA . 44.15 -4.31 -6.18
O3 GOL MA . 44.59 -5.40 -6.99
C1 GOL NA . 31.41 16.37 -1.59
O1 GOL NA . 30.09 16.81 -1.31
C2 GOL NA . 31.67 16.32 -3.08
O2 GOL NA . 31.49 17.63 -3.66
C3 GOL NA . 33.03 15.78 -3.45
O3 GOL NA . 34.07 16.49 -2.78
C1 GOL OA . 28.09 -2.03 15.41
O1 GOL OA . 27.18 -1.95 14.32
C2 GOL OA . 29.50 -1.70 14.97
O2 GOL OA . 29.58 -0.33 14.59
C3 GOL OA . 30.55 -2.01 16.01
O3 GOL OA . 31.86 -1.72 15.54
C1 GOL PA . 11.52 -9.90 -37.85
O1 GOL PA . 12.48 -10.79 -38.43
C2 GOL PA . 10.27 -9.78 -38.69
O2 GOL PA . 9.64 -11.06 -38.85
C3 GOL PA . 9.28 -8.77 -38.16
O3 GOL PA . 9.82 -7.45 -38.11
C1 GOL QA . 20.60 -8.24 -8.88
O1 GOL QA . 19.94 -8.38 -10.13
C2 GOL QA . 20.09 -7.02 -8.13
O2 GOL QA . 18.71 -7.16 -7.82
C3 GOL QA . 20.88 -6.72 -6.86
O3 GOL QA . 20.27 -5.70 -6.09
C1 GOL RA . 37.85 -18.32 2.11
O1 GOL RA . 38.69 -18.37 0.96
C2 GOL RA . 38.03 -17.04 2.89
O2 GOL RA . 37.19 -17.04 4.05
C3 GOL RA . 39.47 -16.76 3.29
O3 GOL RA . 39.58 -15.55 4.03
C1 GOL SA . 28.08 -21.87 -15.19
O1 GOL SA . 28.19 -22.43 -16.49
C2 GOL SA . 28.48 -20.41 -15.16
O2 GOL SA . 27.81 -19.69 -16.19
C3 GOL SA . 28.25 -19.76 -13.82
O3 GOL SA . 28.52 -18.36 -13.88
C1 IPA TA . 21.53 13.71 2.57
C2 IPA TA . 22.91 13.56 2.01
C3 IPA TA . 23.95 14.26 2.81
O2 IPA TA . 22.93 14.05 0.67
C1 IPA UA . 15.57 -8.50 -12.22
C2 IPA UA . 15.56 -7.30 -11.34
C3 IPA UA . 16.88 -6.61 -11.24
O2 IPA UA . 15.11 -7.67 -10.03
N SAH VA . 26.51 -0.68 -10.07
CA SAH VA . 25.59 -0.64 -11.25
CB SAH VA . 25.43 -2.00 -11.95
CG SAH VA . 25.12 -3.19 -11.07
SD SAH VA . 24.74 -4.70 -12.04
C SAH VA . 24.24 -0.03 -10.87
O SAH VA . 24.19 0.60 -9.79
OXT SAH VA . 23.28 -0.18 -11.66
C5' SAH VA . 26.03 -5.85 -11.51
C4' SAH VA . 27.33 -5.70 -12.26
O4' SAH VA . 28.31 -6.56 -11.65
C3' SAH VA . 27.30 -6.12 -13.75
O3' SAH VA . 27.65 -5.02 -14.58
C2' SAH VA . 28.32 -7.26 -13.82
O2' SAH VA . 29.02 -7.39 -15.04
C1' SAH VA . 29.23 -6.91 -12.65
N9 SAH VA . 30.05 -8.00 -12.13
C8 SAH VA . 29.60 -9.18 -11.60
N7 SAH VA . 30.57 -9.96 -11.18
C5 SAH VA . 31.73 -9.25 -11.44
C6 SAH VA . 33.09 -9.54 -11.24
N6 SAH VA . 33.54 -10.66 -10.69
N1 SAH VA . 33.99 -8.60 -11.60
C2 SAH VA . 33.54 -7.45 -12.15
N3 SAH VA . 32.29 -7.07 -12.40
C4 SAH VA . 31.42 -8.03 -12.02
#